data_7NWM
#
_entry.id   7NWM
#
_cell.length_a   66.300
_cell.length_b   103.839
_cell.length_c   107.816
_cell.angle_alpha   90.000
_cell.angle_beta   90.000
_cell.angle_gamma   90.000
#
_symmetry.space_group_name_H-M   'P 21 21 21'
#
loop_
_entity.id
_entity.type
_entity.pdbx_description
1 polymer 'Branched-chain-amino-acid aminotransferase, cytosolic'
2 non-polymer 4-[2,4-bis(oxidanylidene)-6-(trifluoromethyl)-1H-pyrimidin-3-yl]-5-methoxy-2-(2-methylphenoxy)benzenecarbonitrile
3 non-polymer "PYRIDOXAL-5'-PHOSPHATE"
4 non-polymer 'MAGNESIUM ION'
5 water water
#
_entity_poly.entity_id   1
_entity_poly.type   'polypeptide(L)'
_entity_poly.pdbx_seq_one_letter_code
;GPGMKDCSNGCSAECTGEGGSKEVVGTFKAKDLIVTPATILKEKPDPNNLVFGTVFTDHMLTVEWSSEFGWEKPHIKPLQ
NLSLHPGSSALHYAVELFEGLKAFRGVDNKIRLFQPNLNMDRMYRSAVRATLPVFDKEELLECIQQLVKLDQEWVPYSTS
ASLYIRPTFIGTEPSLGVKKPTKALLFVLLSPVGPYFSSGTFNPVSLWANPKYVRAWKGGTGDCKMGGNYGSSLFAQCEA
VDNGCQQVLWLYGEDHQITEVGTMNLFLYWINEDGEEELATPPLDGIILPGVTRRCILDLAHQWGEFKVSERYLTMDDLT
TALEGNRVREMFGSGTACVVCPVSDILYKGETIHIPTMENGPKLASRILSKLTDIQYGREERDWTIVLS
;
_entity_poly.pdbx_strand_id   A,B
#
# COMPACT_ATOMS: atom_id res chain seq x y z
N VAL A 25 -22.17 -14.10 6.28
CA VAL A 25 -21.10 -14.39 5.28
C VAL A 25 -21.54 -15.56 4.37
N GLY A 26 -20.84 -15.72 3.25
CA GLY A 26 -20.99 -16.85 2.32
C GLY A 26 -19.76 -16.99 1.43
N THR A 27 -19.85 -17.84 0.40
CA THR A 27 -18.76 -18.12 -0.56
C THR A 27 -19.33 -18.44 -1.92
N PHE A 28 -18.62 -18.09 -2.98
CA PHE A 28 -18.81 -18.66 -4.35
C PHE A 28 -18.52 -20.16 -4.32
N LYS A 29 -19.18 -20.92 -5.19
CA LYS A 29 -18.98 -22.40 -5.28
C LYS A 29 -18.39 -22.75 -6.67
N ALA A 30 -17.39 -23.63 -6.68
CA ALA A 30 -16.76 -24.16 -7.91
C ALA A 30 -17.82 -24.87 -8.75
N LYS A 31 -18.78 -25.55 -8.10
CA LYS A 31 -19.85 -26.28 -8.82
C LYS A 31 -20.59 -25.31 -9.75
N ASP A 32 -20.67 -24.02 -9.41
CA ASP A 32 -21.45 -23.02 -10.22
C ASP A 32 -20.54 -22.28 -11.30
N LEU A 33 -19.36 -22.86 -11.55
CA LEU A 33 -18.36 -22.28 -12.52
C LEU A 33 -18.98 -22.16 -13.92
N ILE A 34 -19.01 -20.95 -14.45
CA ILE A 34 -19.39 -20.67 -15.86
C ILE A 34 -18.10 -20.53 -16.66
N VAL A 35 -17.93 -21.40 -17.67
CA VAL A 35 -16.69 -21.46 -18.52
C VAL A 35 -17.02 -20.86 -19.90
N THR A 36 -16.32 -19.79 -20.26
CA THR A 36 -16.33 -19.18 -21.62
C THR A 36 -14.95 -19.43 -22.23
N PRO A 37 -14.73 -20.49 -23.02
CA PRO A 37 -13.40 -20.75 -23.56
C PRO A 37 -13.09 -19.72 -24.65
N ALA A 38 -11.81 -19.32 -24.78
CA ALA A 38 -11.31 -18.45 -25.87
C ALA A 38 -11.52 -19.20 -27.20
N THR A 39 -11.88 -18.48 -28.25
CA THR A 39 -12.05 -19.06 -29.61
C THR A 39 -10.68 -19.02 -30.31
N ILE A 40 -9.87 -18.02 -29.97
CA ILE A 40 -8.50 -17.82 -30.54
C ILE A 40 -7.48 -17.97 -29.40
N LEU A 41 -6.45 -18.77 -29.62
CA LEU A 41 -5.44 -19.19 -28.62
C LEU A 41 -4.14 -18.45 -28.94
N LYS A 42 -3.44 -17.92 -27.95
CA LYS A 42 -2.10 -17.30 -28.16
C LYS A 42 -1.05 -18.41 -28.31
N GLU A 43 0.01 -18.14 -29.08
CA GLU A 43 1.21 -19.02 -29.25
CA GLU A 43 1.12 -19.13 -29.21
C GLU A 43 1.92 -19.12 -27.89
N LYS A 44 2.27 -20.31 -27.43
CA LYS A 44 3.04 -20.52 -26.17
C LYS A 44 4.45 -19.98 -26.38
N PRO A 45 5.12 -19.45 -25.34
CA PRO A 45 6.50 -18.98 -25.47
C PRO A 45 7.49 -20.15 -25.42
N ASP A 46 8.73 -19.92 -25.87
CA ASP A 46 9.88 -20.84 -25.65
C ASP A 46 10.08 -20.98 -24.15
N PRO A 47 10.06 -22.21 -23.58
CA PRO A 47 10.33 -22.40 -22.15
C PRO A 47 11.71 -21.89 -21.67
N ASN A 48 12.66 -21.71 -22.60
CA ASN A 48 14.08 -21.39 -22.30
C ASN A 48 14.29 -19.87 -22.36
N ASN A 49 13.25 -19.13 -22.71
CA ASN A 49 13.31 -17.68 -23.08
C ASN A 49 12.20 -16.92 -22.35
N LEU A 50 11.76 -17.39 -21.17
CA LEU A 50 10.61 -16.81 -20.40
C LEU A 50 11.11 -15.64 -19.53
N VAL A 51 10.53 -14.46 -19.73
CA VAL A 51 10.67 -13.27 -18.82
C VAL A 51 9.58 -13.36 -17.75
N PHE A 52 9.94 -13.16 -16.48
CA PHE A 52 9.04 -13.37 -15.31
C PHE A 52 7.81 -12.45 -15.38
N GLY A 53 6.62 -13.05 -15.23
CA GLY A 53 5.32 -12.37 -15.08
C GLY A 53 4.99 -11.42 -16.21
N THR A 54 5.47 -11.68 -17.43
CA THR A 54 5.30 -10.79 -18.61
C THR A 54 4.41 -11.48 -19.64
N VAL A 55 4.40 -12.81 -19.68
CA VAL A 55 3.52 -13.62 -20.56
C VAL A 55 2.32 -14.10 -19.74
N PHE A 56 1.11 -14.01 -20.30
CA PHE A 56 -0.15 -14.49 -19.65
C PHE A 56 -0.84 -15.53 -20.53
N THR A 57 -1.50 -16.50 -19.88
CA THR A 57 -2.23 -17.60 -20.55
C THR A 57 -3.53 -17.05 -21.16
N ASP A 58 -4.37 -17.95 -21.68
CA ASP A 58 -5.56 -17.63 -22.51
C ASP A 58 -6.77 -17.24 -21.63
N HIS A 59 -6.85 -17.84 -20.42
CA HIS A 59 -8.03 -17.70 -19.53
C HIS A 59 -7.62 -17.11 -18.17
N MET A 60 -8.59 -16.48 -17.52
CA MET A 60 -8.50 -15.90 -16.16
C MET A 60 -9.75 -16.36 -15.41
N LEU A 61 -9.68 -16.39 -14.06
CA LEU A 61 -10.84 -16.56 -13.15
C LEU A 61 -11.25 -15.18 -12.65
N THR A 62 -12.56 -14.91 -12.61
CA THR A 62 -13.11 -13.67 -12.01
C THR A 62 -14.32 -14.04 -11.14
N VAL A 63 -14.43 -13.43 -9.98
CA VAL A 63 -15.64 -13.52 -9.11
C VAL A 63 -15.93 -12.13 -8.53
N GLU A 64 -17.12 -11.61 -8.82
CA GLU A 64 -17.69 -10.33 -8.31
C GLU A 64 -18.26 -10.54 -6.90
N TRP A 65 -18.10 -9.54 -6.03
CA TRP A 65 -18.74 -9.50 -4.69
C TRP A 65 -19.35 -8.12 -4.47
N SER A 66 -20.54 -8.10 -3.89
CA SER A 66 -21.20 -6.89 -3.33
C SER A 66 -21.65 -7.23 -1.90
N SER A 67 -21.64 -6.24 -1.01
CA SER A 67 -22.21 -6.35 0.37
C SER A 67 -23.72 -6.61 0.29
N GLU A 68 -24.39 -6.08 -0.74
CA GLU A 68 -25.85 -6.22 -0.99
C GLU A 68 -26.23 -7.69 -1.27
N PHE A 69 -25.55 -8.38 -2.17
CA PHE A 69 -25.93 -9.73 -2.65
C PHE A 69 -24.85 -10.78 -2.36
N GLY A 70 -23.67 -10.38 -1.88
CA GLY A 70 -22.57 -11.33 -1.64
C GLY A 70 -21.87 -11.74 -2.93
N TRP A 71 -21.37 -12.97 -2.97
CA TRP A 71 -20.54 -13.51 -4.08
C TRP A 71 -21.44 -13.90 -5.26
N GLU A 72 -21.11 -13.42 -6.46
CA GLU A 72 -21.68 -13.88 -7.75
C GLU A 72 -21.04 -15.24 -8.11
N LYS A 73 -21.53 -15.89 -9.17
CA LYS A 73 -20.95 -17.17 -9.66
C LYS A 73 -19.55 -16.90 -10.17
N PRO A 74 -18.59 -17.84 -9.98
CA PRO A 74 -17.24 -17.66 -10.52
C PRO A 74 -17.20 -17.94 -12.03
N HIS A 75 -16.32 -17.22 -12.73
CA HIS A 75 -16.20 -17.26 -14.22
C HIS A 75 -14.77 -17.63 -14.60
N ILE A 76 -14.60 -18.60 -15.49
CA ILE A 76 -13.33 -18.81 -16.24
C ILE A 76 -13.61 -18.36 -17.68
N LYS A 77 -12.90 -17.32 -18.12
CA LYS A 77 -13.17 -16.62 -19.39
C LYS A 77 -11.85 -16.15 -19.98
N PRO A 78 -11.85 -15.70 -21.26
CA PRO A 78 -10.64 -15.17 -21.87
C PRO A 78 -10.01 -14.06 -21.03
N LEU A 79 -8.68 -14.07 -20.90
CA LEU A 79 -7.93 -12.98 -20.27
C LEU A 79 -8.42 -11.69 -20.93
N GLN A 80 -8.78 -10.69 -20.13
CA GLN A 80 -9.28 -9.39 -20.63
C GLN A 80 -8.87 -8.30 -19.64
N ASN A 81 -8.93 -7.06 -20.08
CA ASN A 81 -8.81 -5.87 -19.20
C ASN A 81 -9.97 -5.89 -18.20
N LEU A 82 -9.73 -5.32 -17.03
CA LEU A 82 -10.78 -5.05 -16.03
C LEU A 82 -11.35 -3.66 -16.31
N SER A 83 -12.67 -3.52 -16.29
CA SER A 83 -13.39 -2.21 -16.34
C SER A 83 -13.62 -1.77 -14.90
N LEU A 84 -12.85 -0.79 -14.43
CA LEU A 84 -12.89 -0.30 -13.04
C LEU A 84 -13.28 1.17 -13.06
N HIS A 85 -14.24 1.53 -12.21
CA HIS A 85 -14.54 2.95 -11.87
C HIS A 85 -13.23 3.56 -11.36
N PRO A 86 -12.83 4.76 -11.85
CA PRO A 86 -11.54 5.37 -11.46
C PRO A 86 -11.45 5.74 -9.98
N GLY A 87 -12.60 5.74 -9.29
CA GLY A 87 -12.72 5.90 -7.83
C GLY A 87 -12.54 4.60 -7.06
N SER A 88 -12.32 3.47 -7.74
CA SER A 88 -12.16 2.13 -7.09
C SER A 88 -11.09 2.22 -6.01
N SER A 89 -11.38 1.70 -4.82
CA SER A 89 -10.53 1.90 -3.62
C SER A 89 -9.14 1.26 -3.83
N ALA A 90 -9.03 0.23 -4.69
CA ALA A 90 -7.75 -0.42 -5.01
C ALA A 90 -6.74 0.61 -5.52
N LEU A 91 -7.19 1.61 -6.28
CA LEU A 91 -6.34 2.56 -7.03
C LEU A 91 -5.94 3.74 -6.14
N HIS A 92 -6.69 3.98 -5.05
CA HIS A 92 -6.51 5.16 -4.17
C HIS A 92 -5.87 4.74 -2.85
N TYR A 93 -6.36 3.65 -2.22
CA TYR A 93 -6.00 3.30 -0.82
C TYR A 93 -5.47 1.86 -0.74
N ALA A 94 -5.00 1.32 -1.86
CA ALA A 94 -4.27 0.02 -1.89
C ALA A 94 -5.14 -1.05 -1.22
N VAL A 95 -6.46 -0.99 -1.40
CA VAL A 95 -7.38 -2.02 -0.85
C VAL A 95 -7.26 -3.23 -1.79
N GLU A 96 -6.22 -4.03 -1.54
CA GLU A 96 -5.73 -5.09 -2.46
C GLU A 96 -4.77 -6.04 -1.73
N LEU A 97 -4.82 -7.30 -2.10
CA LEU A 97 -3.85 -8.35 -1.69
C LEU A 97 -3.67 -9.29 -2.88
N PHE A 98 -2.66 -10.16 -2.77
CA PHE A 98 -2.30 -11.14 -3.81
C PHE A 98 -1.67 -12.34 -3.15
N GLU A 99 -1.52 -13.40 -3.94
CA GLU A 99 -0.77 -14.61 -3.61
C GLU A 99 0.12 -14.93 -4.81
N GLY A 100 1.10 -15.80 -4.58
CA GLY A 100 1.94 -16.40 -5.63
C GLY A 100 2.22 -17.84 -5.27
N LEU A 101 1.76 -18.78 -6.11
CA LEU A 101 2.12 -20.21 -6.00
C LEU A 101 2.34 -20.73 -7.43
N LYS A 102 2.91 -21.93 -7.56
CA LYS A 102 3.35 -22.49 -8.86
C LYS A 102 2.68 -23.84 -9.10
N ALA A 103 2.44 -24.12 -10.38
CA ALA A 103 2.14 -25.46 -10.92
C ALA A 103 3.40 -25.94 -11.65
N PHE A 104 3.79 -27.18 -11.40
CA PHE A 104 5.02 -27.80 -11.95
C PHE A 104 4.61 -29.02 -12.79
N ARG A 105 5.05 -29.05 -14.06
CA ARG A 105 4.93 -30.27 -14.92
C ARG A 105 6.09 -31.19 -14.52
N GLY A 106 5.75 -32.31 -13.87
CA GLY A 106 6.71 -33.27 -13.31
C GLY A 106 7.44 -34.03 -14.41
N VAL A 107 8.51 -34.74 -14.02
CA VAL A 107 9.28 -35.68 -14.88
C VAL A 107 8.33 -36.74 -15.44
N ASP A 108 7.25 -37.07 -14.72
CA ASP A 108 6.22 -38.03 -15.17
C ASP A 108 5.15 -37.32 -16.01
N ASN A 109 5.26 -35.99 -16.17
CA ASN A 109 4.38 -35.18 -17.06
C ASN A 109 2.96 -35.05 -16.44
N LYS A 110 2.88 -35.28 -15.11
CA LYS A 110 1.73 -34.89 -14.24
C LYS A 110 2.02 -33.49 -13.65
N ILE A 111 1.06 -32.58 -13.79
CA ILE A 111 1.12 -31.19 -13.27
C ILE A 111 0.76 -31.24 -11.79
N ARG A 112 1.55 -30.55 -10.94
CA ARG A 112 1.39 -30.59 -9.46
C ARG A 112 1.35 -29.16 -8.92
N LEU A 113 0.47 -28.91 -7.94
CA LEU A 113 0.56 -27.73 -7.04
C LEU A 113 1.38 -28.14 -5.82
N PHE A 114 2.07 -27.18 -5.23
CA PHE A 114 2.98 -27.36 -4.08
C PHE A 114 2.43 -26.53 -2.90
N GLN A 115 1.93 -27.20 -1.86
CA GLN A 115 1.42 -26.56 -0.61
C GLN A 115 0.38 -25.48 -0.92
N PRO A 116 -0.57 -25.70 -1.84
CA PRO A 116 -1.47 -24.62 -2.26
C PRO A 116 -2.43 -24.22 -1.12
N ASN A 117 -2.75 -25.16 -0.23
CA ASN A 117 -3.63 -24.88 0.95
CA ASN A 117 -3.60 -24.93 0.98
C ASN A 117 -3.00 -23.80 1.83
N LEU A 118 -1.67 -23.75 1.94
CA LEU A 118 -0.96 -22.71 2.77
C LEU A 118 -1.12 -21.34 2.08
N ASN A 119 -1.13 -21.31 0.75
CA ASN A 119 -1.34 -20.07 -0.03
C ASN A 119 -2.76 -19.55 0.22
N MET A 120 -3.74 -20.45 0.20
CA MET A 120 -5.18 -20.16 0.47
C MET A 120 -5.29 -19.60 1.90
N ASP A 121 -4.67 -20.28 2.88
CA ASP A 121 -4.67 -19.88 4.32
C ASP A 121 -4.18 -18.44 4.42
N ARG A 122 -3.00 -18.17 3.85
CA ARG A 122 -2.33 -16.84 3.93
C ARG A 122 -3.21 -15.80 3.23
N MET A 123 -3.90 -16.19 2.14
CA MET A 123 -4.74 -15.25 1.35
C MET A 123 -6.00 -14.89 2.14
N TYR A 124 -6.59 -15.86 2.84
CA TYR A 124 -7.77 -15.65 3.73
C TYR A 124 -7.39 -14.66 4.83
N ARG A 125 -6.26 -14.87 5.50
CA ARG A 125 -5.82 -14.01 6.64
C ARG A 125 -5.62 -12.58 6.12
N SER A 126 -4.98 -12.41 4.96
CA SER A 126 -4.72 -11.09 4.32
C SER A 126 -6.06 -10.38 4.05
N ALA A 127 -7.06 -11.11 3.53
CA ALA A 127 -8.41 -10.59 3.21
C ALA A 127 -9.01 -9.94 4.46
N VAL A 128 -9.06 -10.72 5.56
CA VAL A 128 -9.58 -10.26 6.88
C VAL A 128 -8.84 -8.96 7.28
N ARG A 129 -7.51 -8.94 7.18
CA ARG A 129 -6.64 -7.81 7.59
C ARG A 129 -6.81 -6.61 6.65
N ALA A 130 -7.26 -6.83 5.42
CA ALA A 130 -7.53 -5.77 4.42
C ALA A 130 -8.99 -5.29 4.51
N THR A 131 -9.84 -6.00 5.27
CA THR A 131 -11.30 -5.77 5.37
C THR A 131 -11.99 -6.14 4.04
N LEU A 132 -11.40 -7.00 3.22
CA LEU A 132 -12.12 -7.60 2.05
C LEU A 132 -12.94 -8.79 2.56
N PRO A 133 -14.01 -9.18 1.85
CA PRO A 133 -14.88 -10.26 2.31
C PRO A 133 -14.17 -11.61 2.31
N VAL A 134 -14.45 -12.45 3.30
CA VAL A 134 -13.93 -13.84 3.35
C VAL A 134 -14.64 -14.67 2.27
N PHE A 135 -14.00 -15.80 1.91
CA PHE A 135 -14.47 -16.81 0.92
C PHE A 135 -14.03 -18.18 1.42
N ASP A 136 -14.66 -19.24 0.90
CA ASP A 136 -14.29 -20.64 1.20
C ASP A 136 -12.98 -21.00 0.48
N LYS A 137 -11.93 -21.30 1.25
CA LYS A 137 -10.57 -21.65 0.74
C LYS A 137 -10.63 -22.88 -0.18
N GLU A 138 -11.37 -23.93 0.20
CA GLU A 138 -11.52 -25.17 -0.63
C GLU A 138 -12.06 -24.77 -2.01
N GLU A 139 -13.02 -23.85 -2.05
CA GLU A 139 -13.76 -23.51 -3.30
C GLU A 139 -12.83 -22.73 -4.24
N LEU A 140 -12.07 -21.75 -3.70
CA LEU A 140 -11.10 -20.99 -4.51
C LEU A 140 -10.08 -21.98 -5.10
N LEU A 141 -9.53 -22.84 -4.25
CA LEU A 141 -8.49 -23.79 -4.67
C LEU A 141 -9.05 -24.65 -5.80
N GLU A 142 -10.31 -25.13 -5.69
CA GLU A 142 -10.95 -25.95 -6.75
C GLU A 142 -11.04 -25.11 -8.03
N CYS A 143 -11.52 -23.84 -7.92
CA CYS A 143 -11.65 -22.95 -9.11
C CYS A 143 -10.29 -22.74 -9.76
N ILE A 144 -9.23 -22.56 -8.95
CA ILE A 144 -7.84 -22.38 -9.48
C ILE A 144 -7.46 -23.63 -10.28
N GLN A 145 -7.72 -24.82 -9.75
CA GLN A 145 -7.40 -26.10 -10.42
C GLN A 145 -8.12 -26.18 -11.79
N GLN A 146 -9.41 -25.80 -11.86
CA GLN A 146 -10.18 -25.82 -13.11
C GLN A 146 -9.53 -24.87 -14.12
N LEU A 147 -9.05 -23.72 -13.65
CA LEU A 147 -8.41 -22.69 -14.52
C LEU A 147 -7.07 -23.23 -15.10
N VAL A 148 -6.29 -23.85 -14.22
CA VAL A 148 -4.94 -24.42 -14.59
C VAL A 148 -5.20 -25.60 -15.54
N LYS A 149 -6.21 -26.41 -15.25
CA LYS A 149 -6.56 -27.60 -16.08
C LYS A 149 -6.84 -27.11 -17.51
N LEU A 150 -7.77 -26.13 -17.61
CA LEU A 150 -8.16 -25.54 -18.92
C LEU A 150 -6.89 -25.09 -19.66
N ASP A 151 -5.98 -24.42 -18.96
CA ASP A 151 -4.76 -23.80 -19.53
C ASP A 151 -3.51 -24.67 -19.30
N GLN A 152 -3.65 -25.99 -19.12
CA GLN A 152 -2.53 -26.86 -18.63
C GLN A 152 -1.35 -26.89 -19.61
N GLU A 153 -1.58 -26.62 -20.91
CA GLU A 153 -0.52 -26.66 -21.95
C GLU A 153 0.41 -25.44 -21.80
N TRP A 154 0.01 -24.48 -20.96
CA TRP A 154 0.85 -23.32 -20.57
C TRP A 154 1.84 -23.72 -19.48
N VAL A 155 1.58 -24.81 -18.76
CA VAL A 155 2.54 -25.31 -17.74
C VAL A 155 3.75 -25.80 -18.53
N PRO A 156 4.93 -25.13 -18.41
CA PRO A 156 6.01 -25.33 -19.37
C PRO A 156 6.56 -26.75 -19.39
N TYR A 157 7.04 -27.16 -20.56
CA TYR A 157 7.69 -28.47 -20.77
C TYR A 157 9.16 -28.30 -20.46
N SER A 158 9.48 -28.21 -19.17
CA SER A 158 10.83 -27.86 -18.65
C SER A 158 10.88 -28.16 -17.15
N THR A 159 11.97 -28.77 -16.70
CA THR A 159 12.20 -29.19 -15.30
C THR A 159 12.74 -28.02 -14.46
N SER A 160 12.94 -26.85 -15.07
CA SER A 160 13.41 -25.62 -14.38
C SER A 160 12.50 -24.42 -14.66
N ALA A 161 11.35 -24.64 -15.31
CA ALA A 161 10.28 -23.63 -15.52
C ALA A 161 9.00 -24.09 -14.80
N SER A 162 8.00 -23.22 -14.73
CA SER A 162 6.74 -23.45 -13.99
C SER A 162 5.66 -22.48 -14.48
N LEU A 163 4.43 -22.69 -14.02
CA LEU A 163 3.31 -21.74 -14.24
C LEU A 163 3.06 -21.00 -12.92
N TYR A 164 3.23 -19.68 -12.97
CA TYR A 164 2.99 -18.80 -11.80
C TYR A 164 1.49 -18.55 -11.73
N ILE A 165 0.90 -18.76 -10.55
CA ILE A 165 -0.54 -18.54 -10.29
C ILE A 165 -0.65 -17.30 -9.41
N ARG A 166 -1.35 -16.28 -9.89
CA ARG A 166 -1.51 -14.97 -9.21
C ARG A 166 -2.98 -14.76 -8.86
N PRO A 167 -3.44 -15.29 -7.71
CA PRO A 167 -4.72 -14.90 -7.13
C PRO A 167 -4.59 -13.45 -6.63
N THR A 168 -5.53 -12.58 -6.98
CA THR A 168 -5.52 -11.13 -6.69
C THR A 168 -6.91 -10.75 -6.20
N PHE A 169 -7.03 -9.79 -5.29
CA PHE A 169 -8.31 -9.45 -4.64
C PHE A 169 -8.32 -7.94 -4.39
N ILE A 170 -9.30 -7.22 -4.95
CA ILE A 170 -9.27 -5.73 -5.01
C ILE A 170 -10.64 -5.16 -4.62
N GLY A 171 -10.59 -4.05 -3.87
CA GLY A 171 -11.76 -3.18 -3.64
C GLY A 171 -12.08 -2.39 -4.90
N THR A 172 -13.35 -2.42 -5.29
CA THR A 172 -13.89 -1.76 -6.51
C THR A 172 -15.03 -0.83 -6.14
N GLU A 173 -15.22 -0.60 -4.83
CA GLU A 173 -16.06 0.48 -4.25
C GLU A 173 -15.79 1.79 -5.00
N PRO A 174 -16.72 2.30 -5.82
CA PRO A 174 -16.51 3.60 -6.48
C PRO A 174 -16.63 4.78 -5.50
N SER A 175 -15.79 4.82 -4.49
CA SER A 175 -15.88 5.83 -3.40
C SER A 175 -14.49 6.21 -2.90
N LEU A 176 -14.27 7.50 -2.70
CA LEU A 176 -13.00 8.09 -2.18
C LEU A 176 -13.00 8.03 -0.66
N GLY A 177 -14.14 7.69 -0.06
CA GLY A 177 -14.24 7.45 1.40
C GLY A 177 -13.23 6.41 1.79
N VAL A 178 -12.44 6.67 2.83
CA VAL A 178 -11.52 5.66 3.42
C VAL A 178 -12.39 4.75 4.28
N LYS A 179 -12.76 3.58 3.76
CA LYS A 179 -13.71 2.66 4.43
C LYS A 179 -13.57 1.24 3.85
N LYS A 180 -14.16 0.28 4.58
CA LYS A 180 -14.40 -1.10 4.12
C LYS A 180 -15.15 -1.02 2.78
N PRO A 181 -14.64 -1.67 1.71
CA PRO A 181 -15.35 -1.66 0.43
C PRO A 181 -16.62 -2.54 0.51
N THR A 182 -17.67 -2.14 -0.23
CA THR A 182 -18.97 -2.83 -0.37
C THR A 182 -19.08 -3.50 -1.74
N LYS A 183 -18.02 -3.38 -2.53
CA LYS A 183 -17.85 -3.99 -3.87
C LYS A 183 -16.40 -4.48 -3.96
N ALA A 184 -16.20 -5.69 -4.49
CA ALA A 184 -14.84 -6.24 -4.69
C ALA A 184 -14.85 -7.20 -5.88
N LEU A 185 -13.64 -7.50 -6.36
CA LEU A 185 -13.38 -8.49 -7.43
C LEU A 185 -12.23 -9.37 -6.94
N LEU A 186 -12.41 -10.68 -7.02
CA LEU A 186 -11.30 -11.66 -6.88
C LEU A 186 -11.05 -12.26 -8.26
N PHE A 187 -9.80 -12.22 -8.74
CA PHE A 187 -9.40 -12.72 -10.07
C PHE A 187 -8.11 -13.51 -9.94
N VAL A 188 -7.81 -14.39 -10.91
CA VAL A 188 -6.58 -15.21 -10.89
C VAL A 188 -5.96 -15.16 -12.29
N LEU A 189 -4.69 -14.77 -12.36
CA LEU A 189 -3.89 -14.79 -13.60
C LEU A 189 -2.91 -15.97 -13.52
N LEU A 190 -2.56 -16.50 -14.68
CA LEU A 190 -1.53 -17.55 -14.87
C LEU A 190 -0.46 -16.97 -15.79
N SER A 191 0.80 -17.26 -15.48
CA SER A 191 1.97 -16.73 -16.22
C SER A 191 3.09 -17.76 -16.21
N PRO A 192 3.48 -18.32 -17.38
CA PRO A 192 4.61 -19.25 -17.41
C PRO A 192 5.93 -18.49 -17.17
N VAL A 193 6.69 -18.91 -16.16
CA VAL A 193 7.98 -18.30 -15.75
C VAL A 193 9.09 -19.35 -15.86
N GLY A 194 10.24 -18.94 -16.40
CA GLY A 194 11.45 -19.78 -16.52
C GLY A 194 12.20 -19.85 -15.19
N PRO A 195 13.39 -20.48 -15.16
CA PRO A 195 14.19 -20.56 -13.93
C PRO A 195 14.48 -19.14 -13.42
N TYR A 196 14.59 -18.97 -12.10
CA TYR A 196 15.00 -17.67 -11.48
C TYR A 196 16.22 -17.11 -12.24
N PHE A 197 17.25 -17.92 -12.49
CA PHE A 197 18.48 -17.50 -13.22
C PHE A 197 18.59 -18.22 -14.59
N SER A 198 18.97 -17.49 -15.64
CA SER A 198 19.24 -17.96 -17.04
C SER A 198 20.06 -19.25 -17.03
N SER A 199 21.06 -19.30 -16.16
CA SER A 199 22.04 -20.42 -16.04
C SER A 199 21.31 -21.67 -15.51
N GLY A 200 20.22 -21.47 -14.76
CA GLY A 200 19.41 -22.52 -14.11
C GLY A 200 20.05 -23.03 -12.83
N THR A 201 21.23 -22.48 -12.46
CA THR A 201 22.06 -22.87 -11.30
C THR A 201 22.22 -21.67 -10.36
N PHE A 202 23.02 -21.83 -9.31
CA PHE A 202 23.30 -20.81 -8.25
C PHE A 202 24.09 -19.65 -8.87
N ASN A 203 23.47 -18.47 -8.94
CA ASN A 203 24.15 -17.18 -9.22
C ASN A 203 24.05 -16.33 -7.95
N PRO A 204 25.05 -16.38 -7.05
CA PRO A 204 24.93 -15.74 -5.73
C PRO A 204 24.64 -14.24 -5.80
N VAL A 205 23.71 -13.75 -4.97
CA VAL A 205 23.23 -12.34 -5.01
C VAL A 205 24.10 -11.49 -4.08
N SER A 206 24.33 -10.24 -4.50
CA SER A 206 24.84 -9.13 -3.65
C SER A 206 23.64 -8.36 -3.09
N LEU A 207 23.69 -8.02 -1.80
CA LEU A 207 22.59 -7.36 -1.08
C LEU A 207 23.01 -5.93 -0.70
N TRP A 208 22.08 -4.99 -0.91
CA TRP A 208 22.15 -3.57 -0.49
C TRP A 208 21.44 -3.45 0.86
N ALA A 209 22.18 -3.04 1.89
CA ALA A 209 21.71 -2.95 3.30
C ALA A 209 21.80 -1.49 3.78
N ASN A 210 20.71 -0.74 3.59
CA ASN A 210 20.60 0.68 4.03
C ASN A 210 19.50 0.79 5.07
N PRO A 211 19.84 1.13 6.35
CA PRO A 211 18.83 1.24 7.41
C PRO A 211 17.87 2.42 7.23
N LYS A 212 18.17 3.32 6.29
CA LYS A 212 17.32 4.48 5.88
C LYS A 212 15.91 4.00 5.48
N TYR A 213 15.77 2.80 4.91
CA TYR A 213 14.45 2.26 4.46
C TYR A 213 14.06 1.09 5.37
N VAL A 214 12.76 0.99 5.67
CA VAL A 214 12.15 -0.07 6.49
C VAL A 214 10.93 -0.62 5.74
N ARG A 215 10.96 -1.92 5.41
CA ARG A 215 9.88 -2.62 4.67
C ARG A 215 8.60 -2.62 5.52
N ALA A 216 8.75 -2.93 6.82
CA ALA A 216 7.64 -3.34 7.70
C ALA A 216 7.95 -2.92 9.14
N TRP A 217 6.89 -2.72 9.93
CA TRP A 217 6.97 -2.27 11.33
C TRP A 217 5.97 -3.08 12.17
N LYS A 218 6.28 -3.27 13.45
CA LYS A 218 5.37 -3.79 14.49
C LYS A 218 4.03 -3.03 14.40
N GLY A 219 2.92 -3.76 14.26
CA GLY A 219 1.57 -3.19 14.10
C GLY A 219 1.26 -2.84 12.66
N GLY A 220 2.14 -3.23 11.73
CA GLY A 220 1.93 -3.11 10.28
C GLY A 220 1.37 -4.40 9.70
N THR A 221 1.46 -4.55 8.37
CA THR A 221 0.83 -5.63 7.56
C THR A 221 1.93 -6.46 6.89
N GLY A 222 3.18 -6.37 7.37
CA GLY A 222 4.36 -7.04 6.79
C GLY A 222 4.29 -8.56 6.83
N ASP A 223 3.37 -9.15 7.60
CA ASP A 223 3.16 -10.62 7.65
C ASP A 223 1.97 -11.04 6.75
N CYS A 224 1.52 -10.15 5.86
CA CYS A 224 0.44 -10.36 4.84
C CYS A 224 0.97 -10.02 3.43
N LYS A 225 0.41 -10.64 2.38
CA LYS A 225 0.72 -10.29 0.95
C LYS A 225 -0.28 -9.21 0.50
N MET A 226 -0.35 -8.10 1.23
CA MET A 226 -1.14 -6.90 0.91
C MET A 226 -0.27 -5.96 0.05
N GLY A 227 -0.85 -5.41 -1.02
CA GLY A 227 -0.14 -4.61 -2.03
C GLY A 227 0.70 -3.47 -1.44
N GLY A 228 0.24 -2.86 -0.33
CA GLY A 228 0.90 -1.70 0.31
C GLY A 228 2.32 -1.99 0.77
N ASN A 229 2.64 -3.25 1.07
CA ASN A 229 3.96 -3.67 1.61
C ASN A 229 5.05 -3.48 0.55
N TYR A 230 4.69 -3.51 -0.75
CA TYR A 230 5.64 -3.71 -1.89
C TYR A 230 5.94 -2.38 -2.59
N GLY A 231 4.99 -1.43 -2.60
CA GLY A 231 5.06 -0.17 -3.37
C GLY A 231 6.23 0.69 -2.96
N SER A 232 6.52 0.70 -1.65
CA SER A 232 7.56 1.50 -0.95
C SER A 232 8.95 0.91 -1.15
N SER A 233 9.03 -0.31 -1.69
CA SER A 233 10.28 -1.13 -1.83
C SER A 233 10.98 -0.80 -3.15
N LEU A 234 10.24 -0.37 -4.20
CA LEU A 234 10.77 -0.16 -5.57
C LEU A 234 11.96 0.81 -5.56
N PHE A 235 11.84 1.93 -4.84
CA PHE A 235 12.89 2.99 -4.78
C PHE A 235 14.18 2.38 -4.21
N ALA A 236 14.06 1.55 -3.17
CA ALA A 236 15.17 0.84 -2.52
C ALA A 236 15.85 -0.12 -3.53
N GLN A 237 15.06 -0.92 -4.25
CA GLN A 237 15.58 -1.90 -5.24
C GLN A 237 16.35 -1.18 -6.34
N CYS A 238 15.80 -0.09 -6.90
CA CYS A 238 16.49 0.79 -7.87
C CYS A 238 17.84 1.24 -7.28
N GLU A 239 17.86 1.66 -6.02
CA GLU A 239 19.09 2.11 -5.32
C GLU A 239 20.05 0.92 -5.19
N ALA A 240 19.53 -0.29 -4.91
CA ALA A 240 20.34 -1.53 -4.83
C ALA A 240 21.07 -1.73 -6.17
N VAL A 241 20.31 -1.71 -7.27
CA VAL A 241 20.82 -1.95 -8.66
C VAL A 241 21.85 -0.87 -9.02
N ASP A 242 21.68 0.36 -8.52
CA ASP A 242 22.55 1.51 -8.85
C ASP A 242 23.90 1.36 -8.13
N ASN A 243 24.00 0.52 -7.10
CA ASN A 243 25.26 0.21 -6.37
C ASN A 243 25.67 -1.24 -6.63
N GLY A 244 25.15 -1.85 -7.70
CA GLY A 244 25.64 -3.12 -8.26
C GLY A 244 25.01 -4.36 -7.62
N CYS A 245 24.11 -4.17 -6.65
CA CYS A 245 23.47 -5.27 -5.89
C CYS A 245 22.22 -5.71 -6.65
N GLN A 246 21.77 -6.95 -6.41
CA GLN A 246 20.62 -7.58 -7.11
C GLN A 246 19.36 -7.47 -6.25
N GLN A 247 19.50 -7.31 -4.93
CA GLN A 247 18.36 -7.30 -3.96
C GLN A 247 18.68 -6.37 -2.77
N VAL A 248 17.64 -5.97 -2.05
CA VAL A 248 17.68 -5.21 -0.77
C VAL A 248 17.71 -6.20 0.41
N LEU A 249 18.68 -6.05 1.31
CA LEU A 249 18.63 -6.64 2.69
C LEU A 249 17.88 -5.64 3.58
N TRP A 250 16.62 -5.97 3.91
CA TRP A 250 15.75 -5.12 4.77
C TRP A 250 16.21 -5.16 6.22
N LEU A 251 16.63 -4.02 6.75
CA LEU A 251 17.04 -3.86 8.17
C LEU A 251 15.88 -3.24 8.96
N TYR A 252 15.73 -3.67 10.22
CA TYR A 252 14.71 -3.14 11.17
C TYR A 252 15.41 -2.78 12.50
N GLY A 253 15.07 -1.61 13.05
CA GLY A 253 15.37 -1.24 14.44
C GLY A 253 16.78 -0.73 14.59
N GLU A 254 17.13 -0.31 15.82
CA GLU A 254 18.40 0.38 16.17
C GLU A 254 19.59 -0.58 16.11
N ASP A 255 19.34 -1.88 16.34
CA ASP A 255 20.34 -2.97 16.29
C ASP A 255 20.54 -3.47 14.85
N HIS A 256 19.81 -2.93 13.87
CA HIS A 256 19.87 -3.33 12.45
C HIS A 256 19.68 -4.85 12.34
N GLN A 257 18.51 -5.32 12.74
CA GLN A 257 18.10 -6.72 12.50
C GLN A 257 18.01 -6.97 10.99
N ILE A 258 18.57 -8.08 10.53
CA ILE A 258 18.42 -8.54 9.13
C ILE A 258 17.11 -9.36 9.08
N THR A 259 16.15 -8.92 8.26
CA THR A 259 14.76 -9.45 8.26
C THR A 259 14.55 -10.32 7.03
N GLU A 260 14.69 -9.74 5.84
CA GLU A 260 14.25 -10.35 4.55
C GLU A 260 15.23 -9.95 3.44
N VAL A 261 15.53 -10.90 2.54
CA VAL A 261 16.36 -10.65 1.33
C VAL A 261 15.37 -10.36 0.19
N GLY A 262 15.13 -9.08 -0.07
CA GLY A 262 14.12 -8.62 -1.04
C GLY A 262 12.73 -9.14 -0.68
N THR A 263 12.11 -9.91 -1.56
CA THR A 263 10.77 -10.53 -1.38
C THR A 263 10.94 -12.00 -0.98
N MET A 264 12.05 -12.31 -0.31
CA MET A 264 12.42 -13.69 0.11
C MET A 264 12.70 -13.71 1.61
N ASN A 265 12.49 -14.84 2.26
CA ASN A 265 12.84 -15.05 3.68
C ASN A 265 14.36 -15.25 3.74
N LEU A 266 14.95 -15.04 4.90
CA LEU A 266 16.42 -14.99 5.10
C LEU A 266 16.82 -16.11 6.05
N PHE A 267 17.75 -16.98 5.62
CA PHE A 267 18.33 -18.04 6.46
C PHE A 267 19.83 -17.81 6.61
N LEU A 268 20.33 -18.08 7.81
CA LEU A 268 21.77 -18.03 8.19
C LEU A 268 22.16 -19.39 8.79
N TYR A 269 23.11 -20.07 8.16
CA TYR A 269 23.64 -21.39 8.60
C TYR A 269 25.05 -21.14 9.16
N TRP A 270 25.23 -21.39 10.46
CA TRP A 270 26.45 -20.89 11.18
C TRP A 270 26.68 -21.65 12.48
N ILE A 271 27.86 -21.42 13.05
CA ILE A 271 28.17 -21.75 14.47
C ILE A 271 27.70 -20.56 15.30
N ASN A 272 26.74 -20.77 16.20
CA ASN A 272 26.10 -19.66 16.95
C ASN A 272 27.02 -19.26 18.12
N GLU A 273 26.55 -18.35 18.99
CA GLU A 273 27.36 -17.73 20.06
C GLU A 273 27.76 -18.78 21.10
N ASP A 274 26.95 -19.82 21.26
CA ASP A 274 27.19 -20.95 22.20
C ASP A 274 28.03 -22.05 21.52
N GLY A 275 28.58 -21.77 20.33
CA GLY A 275 29.41 -22.72 19.57
C GLY A 275 28.60 -23.89 19.00
N GLU A 276 27.31 -23.70 18.72
CA GLU A 276 26.41 -24.77 18.18
C GLU A 276 26.15 -24.54 16.69
N GLU A 277 26.16 -25.64 15.93
CA GLU A 277 25.73 -25.71 14.50
C GLU A 277 24.23 -25.38 14.47
N GLU A 278 23.83 -24.35 13.73
CA GLU A 278 22.47 -23.77 13.83
C GLU A 278 22.02 -23.25 12.46
N LEU A 279 20.78 -23.55 12.10
CA LEU A 279 20.04 -22.84 11.03
C LEU A 279 19.15 -21.81 11.71
N ALA A 280 19.35 -20.53 11.40
CA ALA A 280 18.68 -19.39 12.06
C ALA A 280 17.91 -18.59 11.01
N THR A 281 16.75 -18.08 11.37
CA THR A 281 15.87 -17.25 10.51
C THR A 281 15.10 -16.34 11.45
N PRO A 282 14.81 -15.08 11.04
CA PRO A 282 14.04 -14.15 11.89
C PRO A 282 12.68 -14.69 12.28
N PRO A 283 12.20 -14.39 13.51
CA PRO A 283 10.93 -14.92 14.00
C PRO A 283 9.73 -14.17 13.39
N LEU A 284 8.56 -14.82 13.40
CA LEU A 284 7.28 -14.24 12.92
C LEU A 284 6.74 -13.32 14.02
N ASP A 285 7.36 -12.15 14.20
CA ASP A 285 6.96 -11.15 15.23
C ASP A 285 6.13 -10.04 14.58
N GLY A 286 5.70 -10.21 13.33
CA GLY A 286 4.78 -9.28 12.63
C GLY A 286 5.44 -8.53 11.47
N ILE A 287 6.77 -8.43 11.40
CA ILE A 287 7.48 -7.73 10.28
C ILE A 287 7.98 -8.73 9.23
N ILE A 288 7.89 -10.04 9.48
CA ILE A 288 8.35 -11.11 8.54
C ILE A 288 7.15 -11.74 7.83
N LEU A 289 7.24 -11.91 6.51
CA LEU A 289 6.27 -12.68 5.70
C LEU A 289 6.48 -14.16 5.98
N PRO A 290 5.49 -14.88 6.53
CA PRO A 290 5.61 -16.32 6.73
C PRO A 290 5.49 -17.05 5.38
N GLY A 291 6.60 -17.10 4.65
CA GLY A 291 6.72 -17.78 3.34
C GLY A 291 6.43 -19.27 3.45
N VAL A 292 5.85 -19.85 2.40
CA VAL A 292 5.63 -21.32 2.25
C VAL A 292 6.99 -22.00 2.20
N THR A 293 7.94 -21.45 1.44
CA THR A 293 9.33 -21.97 1.38
C THR A 293 9.93 -21.97 2.79
N ARG A 294 9.80 -20.87 3.49
CA ARG A 294 10.30 -20.71 4.89
C ARG A 294 9.78 -21.87 5.73
N ARG A 295 8.45 -22.07 5.78
CA ARG A 295 7.76 -23.17 6.51
C ARG A 295 8.38 -24.52 6.11
N CYS A 296 8.53 -24.77 4.81
CA CYS A 296 9.01 -26.08 4.29
C CYS A 296 10.43 -26.34 4.78
N ILE A 297 11.29 -25.31 4.73
CA ILE A 297 12.73 -25.40 5.13
C ILE A 297 12.84 -25.66 6.64
N LEU A 298 11.98 -25.03 7.44
CA LEU A 298 12.03 -25.22 8.93
C LEU A 298 11.54 -26.64 9.24
N ASP A 299 10.50 -27.12 8.54
CA ASP A 299 9.99 -28.50 8.71
C ASP A 299 11.11 -29.48 8.38
N LEU A 300 11.74 -29.33 7.20
CA LEU A 300 12.87 -30.19 6.76
C LEU A 300 13.95 -30.16 7.83
N ALA A 301 14.40 -28.98 8.24
CA ALA A 301 15.47 -28.78 9.23
C ALA A 301 15.15 -29.51 10.54
N HIS A 302 13.91 -29.36 11.04
CA HIS A 302 13.41 -30.01 12.28
C HIS A 302 13.36 -31.53 12.11
N GLN A 303 12.86 -32.00 10.96
CA GLN A 303 12.73 -33.44 10.60
C GLN A 303 14.12 -34.10 10.60
N TRP A 304 15.12 -33.47 9.99
CA TRP A 304 16.47 -34.07 9.85
C TRP A 304 17.14 -34.19 11.23
N GLY A 305 16.89 -33.24 12.12
CA GLY A 305 17.41 -33.23 13.50
C GLY A 305 18.93 -33.33 13.54
N GLU A 306 19.63 -32.73 12.57
CA GLU A 306 21.10 -32.84 12.43
C GLU A 306 21.79 -31.59 13.02
N PHE A 307 21.03 -30.54 13.31
CA PHE A 307 21.57 -29.28 13.89
C PHE A 307 20.42 -28.47 14.53
N LYS A 308 20.80 -27.47 15.34
CA LYS A 308 19.85 -26.59 16.03
C LYS A 308 19.12 -25.74 14.97
N VAL A 309 17.82 -25.54 15.17
CA VAL A 309 16.93 -24.74 14.27
C VAL A 309 16.29 -23.67 15.14
N SER A 310 16.56 -22.39 14.87
CA SER A 310 16.16 -21.25 15.75
C SER A 310 15.50 -20.15 14.92
N GLU A 311 14.23 -19.87 15.21
CA GLU A 311 13.56 -18.60 14.86
C GLU A 311 14.05 -17.57 15.87
N ARG A 312 15.04 -16.76 15.51
CA ARG A 312 15.67 -15.78 16.45
C ARG A 312 16.07 -14.50 15.71
N TYR A 313 16.30 -13.44 16.48
CA TYR A 313 16.81 -12.14 15.97
C TYR A 313 18.26 -12.32 15.52
N LEU A 314 18.60 -11.71 14.39
CA LEU A 314 19.96 -11.70 13.81
C LEU A 314 20.26 -10.26 13.43
N THR A 315 21.32 -9.67 13.99
CA THR A 315 21.77 -8.29 13.67
C THR A 315 22.98 -8.35 12.75
N MET A 316 23.27 -7.24 12.06
CA MET A 316 24.50 -7.09 11.25
C MET A 316 25.73 -7.33 12.14
N ASP A 317 25.69 -6.91 13.41
CA ASP A 317 26.81 -7.07 14.38
C ASP A 317 26.98 -8.56 14.72
N ASP A 318 25.88 -9.28 14.96
CA ASP A 318 25.89 -10.75 15.13
C ASP A 318 26.64 -11.39 13.94
N LEU A 319 26.37 -10.90 12.73
CA LEU A 319 26.86 -11.49 11.45
C LEU A 319 28.35 -11.17 11.28
N THR A 320 28.75 -9.91 11.41
CA THR A 320 30.15 -9.46 11.20
C THR A 320 31.02 -10.06 12.32
N THR A 321 30.52 -10.14 13.55
CA THR A 321 31.21 -10.82 14.68
C THR A 321 31.43 -12.30 14.30
N ALA A 322 30.40 -12.98 13.78
CA ALA A 322 30.47 -14.39 13.33
C ALA A 322 31.43 -14.51 12.14
N LEU A 323 31.40 -13.58 11.20
CA LEU A 323 32.33 -13.57 10.02
C LEU A 323 33.79 -13.49 10.52
N GLU A 324 34.10 -12.61 11.47
CA GLU A 324 35.49 -12.44 11.99
C GLU A 324 35.95 -13.74 12.68
N GLY A 325 35.02 -14.58 13.14
CA GLY A 325 35.32 -15.88 13.77
C GLY A 325 35.22 -17.06 12.81
N ASN A 326 35.02 -16.81 11.51
CA ASN A 326 34.85 -17.87 10.49
C ASN A 326 33.75 -18.83 10.96
N ARG A 327 32.67 -18.29 11.55
CA ARG A 327 31.57 -19.08 12.17
C ARG A 327 30.39 -19.18 11.19
N VAL A 328 30.38 -18.34 10.15
CA VAL A 328 29.33 -18.33 9.08
C VAL A 328 29.67 -19.38 8.03
N ARG A 329 28.69 -20.21 7.66
CA ARG A 329 28.86 -21.22 6.58
C ARG A 329 28.08 -20.77 5.35
N GLU A 330 26.78 -20.54 5.47
CA GLU A 330 25.91 -20.16 4.31
C GLU A 330 24.86 -19.15 4.74
N MET A 331 24.54 -18.20 3.86
CA MET A 331 23.34 -17.33 3.95
C MET A 331 22.60 -17.45 2.63
N PHE A 332 21.27 -17.56 2.65
CA PHE A 332 20.47 -17.70 1.41
C PHE A 332 19.06 -17.15 1.64
N GLY A 333 18.44 -16.67 0.56
CA GLY A 333 17.02 -16.32 0.50
C GLY A 333 16.18 -17.51 0.10
N SER A 334 14.89 -17.48 0.41
CA SER A 334 13.90 -18.50 -0.01
C SER A 334 12.53 -17.83 -0.24
N GLY A 335 11.88 -18.15 -1.36
CA GLY A 335 10.53 -17.72 -1.74
C GLY A 335 10.09 -18.52 -2.95
N THR A 336 8.87 -18.33 -3.47
CA THR A 336 8.40 -19.08 -4.66
C THR A 336 9.26 -18.67 -5.87
N ALA A 337 9.65 -17.39 -5.91
CA ALA A 337 10.58 -16.77 -6.89
C ALA A 337 11.83 -17.65 -7.06
N CYS A 338 12.58 -17.79 -5.97
CA CYS A 338 13.90 -18.44 -5.89
C CYS A 338 13.85 -19.40 -4.71
N VAL A 339 13.69 -20.69 -4.97
CA VAL A 339 13.48 -21.69 -3.88
C VAL A 339 14.62 -21.51 -2.88
N VAL A 340 15.85 -21.52 -3.38
CA VAL A 340 17.08 -21.21 -2.61
C VAL A 340 17.99 -20.26 -3.40
N CYS A 341 18.32 -19.10 -2.82
CA CYS A 341 19.13 -18.04 -3.46
C CYS A 341 20.30 -17.69 -2.56
N PRO A 342 21.47 -18.33 -2.78
CA PRO A 342 22.68 -18.04 -2.01
C PRO A 342 23.05 -16.55 -2.01
N VAL A 343 23.53 -16.06 -0.87
CA VAL A 343 24.05 -14.67 -0.71
C VAL A 343 25.58 -14.75 -0.59
N SER A 344 26.29 -13.99 -1.42
CA SER A 344 27.78 -13.90 -1.43
C SER A 344 28.27 -12.63 -0.70
N ASP A 345 27.50 -11.54 -0.71
CA ASP A 345 27.99 -10.20 -0.29
C ASP A 345 26.85 -9.33 0.23
N ILE A 346 27.17 -8.45 1.19
CA ILE A 346 26.27 -7.41 1.75
C ILE A 346 27.06 -6.08 1.77
N LEU A 347 26.54 -5.05 1.10
CA LEU A 347 27.04 -3.65 1.15
C LEU A 347 26.37 -2.93 2.32
N TYR A 348 27.17 -2.43 3.26
CA TYR A 348 26.73 -1.94 4.60
C TYR A 348 27.76 -0.92 5.13
N LYS A 349 27.30 0.29 5.44
CA LYS A 349 28.14 1.41 5.91
C LYS A 349 29.34 1.59 4.97
N GLY A 350 29.10 1.59 3.66
CA GLY A 350 30.09 1.94 2.62
C GLY A 350 31.13 0.86 2.34
N GLU A 351 31.16 -0.25 3.09
CA GLU A 351 32.07 -1.39 2.80
C GLU A 351 31.26 -2.59 2.29
N THR A 352 31.94 -3.48 1.55
CA THR A 352 31.38 -4.73 0.97
C THR A 352 31.80 -5.88 1.88
N ILE A 353 30.83 -6.56 2.48
CA ILE A 353 31.08 -7.64 3.48
C ILE A 353 30.85 -8.97 2.77
N HIS A 354 31.88 -9.83 2.74
CA HIS A 354 31.84 -11.12 2.02
C HIS A 354 31.21 -12.20 2.91
N ILE A 355 30.29 -12.95 2.32
CA ILE A 355 29.63 -14.13 2.96
C ILE A 355 30.16 -15.37 2.25
N PRO A 356 30.84 -16.29 2.97
CA PRO A 356 31.50 -17.43 2.34
C PRO A 356 30.55 -18.58 1.97
N THR A 357 29.29 -18.26 1.63
CA THR A 357 28.25 -19.24 1.23
C THR A 357 28.79 -20.21 0.16
N MET A 358 29.32 -19.66 -0.94
CA MET A 358 29.72 -20.45 -2.12
C MET A 358 31.02 -21.21 -1.85
N GLU A 359 31.79 -20.82 -0.82
CA GLU A 359 33.03 -21.48 -0.38
C GLU A 359 32.71 -22.69 0.49
N ASN A 360 31.46 -22.86 0.91
CA ASN A 360 31.05 -23.95 1.83
C ASN A 360 30.04 -24.86 1.13
N GLY A 361 30.11 -24.93 -0.20
CA GLY A 361 29.35 -25.90 -1.03
C GLY A 361 28.59 -25.19 -2.13
N PRO A 362 27.45 -24.51 -1.85
CA PRO A 362 26.87 -24.46 -0.49
C PRO A 362 26.06 -25.73 -0.19
N LYS A 363 26.50 -26.47 0.83
CA LYS A 363 26.09 -27.87 1.13
C LYS A 363 24.61 -27.90 1.55
N LEU A 364 24.21 -27.06 2.49
CA LEU A 364 22.82 -27.02 3.03
C LEU A 364 21.86 -26.46 1.98
N ALA A 365 22.21 -25.31 1.41
CA ALA A 365 21.45 -24.65 0.34
C ALA A 365 21.18 -25.66 -0.78
N SER A 366 22.19 -26.41 -1.22
CA SER A 366 22.08 -27.45 -2.30
C SER A 366 21.14 -28.57 -1.86
N ARG A 367 21.27 -29.06 -0.63
CA ARG A 367 20.43 -30.16 -0.09
C ARG A 367 18.97 -29.72 -0.10
N ILE A 368 18.70 -28.48 0.33
CA ILE A 368 17.33 -27.91 0.36
C ILE A 368 16.79 -27.82 -1.08
N LEU A 369 17.52 -27.19 -1.99
CA LEU A 369 17.08 -27.01 -3.40
C LEU A 369 16.74 -28.36 -4.03
N SER A 370 17.61 -29.36 -3.81
CA SER A 370 17.46 -30.76 -4.29
C SER A 370 16.11 -31.31 -3.83
N LYS A 371 15.82 -31.24 -2.52
CA LYS A 371 14.61 -31.83 -1.89
C LYS A 371 13.35 -31.14 -2.44
N LEU A 372 13.27 -29.81 -2.34
CA LEU A 372 12.06 -29.06 -2.75
C LEU A 372 11.81 -29.28 -4.25
N THR A 373 12.86 -29.25 -5.07
CA THR A 373 12.74 -29.38 -6.55
C THR A 373 12.28 -30.80 -6.90
N ASP A 374 12.88 -31.81 -6.26
CA ASP A 374 12.50 -33.24 -6.43
C ASP A 374 11.01 -33.38 -6.14
N ILE A 375 10.51 -32.73 -5.08
CA ILE A 375 9.07 -32.77 -4.68
C ILE A 375 8.23 -32.01 -5.73
N GLN A 376 8.56 -30.75 -6.00
CA GLN A 376 7.83 -29.91 -6.99
C GLN A 376 7.67 -30.64 -8.34
N TYR A 377 8.69 -31.36 -8.79
CA TYR A 377 8.73 -31.98 -10.14
C TYR A 377 8.36 -33.47 -10.09
N GLY A 378 7.87 -33.93 -8.94
CA GLY A 378 7.39 -35.31 -8.72
C GLY A 378 8.49 -36.37 -8.86
N ARG A 379 9.75 -36.03 -8.64
CA ARG A 379 10.88 -37.01 -8.63
C ARG A 379 10.79 -37.85 -7.34
N GLU A 380 10.09 -37.34 -6.31
CA GLU A 380 9.68 -38.13 -5.12
C GLU A 380 8.27 -37.66 -4.72
N GLU A 381 7.48 -38.55 -4.13
CA GLU A 381 6.10 -38.25 -3.63
C GLU A 381 6.24 -37.54 -2.28
N ARG A 382 5.20 -36.80 -1.87
CA ARG A 382 5.09 -36.15 -0.54
C ARG A 382 3.66 -35.63 -0.38
N ASP A 383 3.33 -35.32 0.89
CA ASP A 383 2.04 -34.70 1.31
C ASP A 383 1.94 -33.27 0.78
N TRP A 384 3.06 -32.66 0.37
CA TRP A 384 3.14 -31.20 0.02
C TRP A 384 2.63 -30.94 -1.40
N THR A 385 2.46 -31.98 -2.22
CA THR A 385 2.09 -31.82 -3.64
C THR A 385 0.72 -32.45 -3.89
N ILE A 386 -0.04 -31.84 -4.82
CA ILE A 386 -1.37 -32.29 -5.26
C ILE A 386 -1.34 -32.37 -6.79
N VAL A 387 -1.78 -33.50 -7.37
CA VAL A 387 -1.91 -33.68 -8.84
C VAL A 387 -3.14 -32.92 -9.31
N LEU A 388 -3.01 -32.22 -10.45
CA LEU A 388 -4.07 -31.44 -11.13
C LEU A 388 -5.23 -32.38 -11.51
N SER A 389 -6.47 -31.89 -11.30
CA SER A 389 -7.74 -32.64 -11.37
C SER A 389 -7.86 -33.43 -12.68
N GLY B 26 10.58 13.53 -21.51
CA GLY B 26 9.47 14.41 -21.94
C GLY B 26 8.49 14.70 -20.82
N THR B 27 7.57 15.62 -21.07
CA THR B 27 6.45 16.00 -20.15
C THR B 27 5.24 16.42 -20.99
N PHE B 28 4.03 16.13 -20.52
CA PHE B 28 2.79 16.60 -21.19
C PHE B 28 2.64 18.11 -20.96
N LYS B 29 2.00 18.79 -21.92
CA LYS B 29 1.70 20.24 -21.88
C LYS B 29 0.16 20.44 -21.90
N ALA B 30 -0.31 21.41 -21.11
CA ALA B 30 -1.73 21.86 -21.10
C ALA B 30 -2.11 22.36 -22.48
N LYS B 31 -1.18 23.03 -23.17
CA LYS B 31 -1.35 23.56 -24.55
C LYS B 31 -1.89 22.44 -25.46
N ASP B 32 -1.51 21.17 -25.23
CA ASP B 32 -1.87 20.05 -26.15
C ASP B 32 -3.20 19.37 -25.72
N LEU B 33 -3.96 19.98 -24.79
CA LEU B 33 -5.20 19.40 -24.20
C LEU B 33 -6.22 19.07 -25.30
N ILE B 34 -6.61 17.81 -25.38
CA ILE B 34 -7.74 17.33 -26.23
C ILE B 34 -8.98 17.23 -25.33
N VAL B 35 -10.01 18.02 -25.63
CA VAL B 35 -11.25 18.16 -24.81
C VAL B 35 -12.40 17.48 -25.54
N THR B 36 -12.96 16.44 -24.93
CA THR B 36 -14.18 15.73 -25.38
C THR B 36 -15.28 16.03 -24.37
N PRO B 37 -16.14 17.04 -24.58
CA PRO B 37 -17.17 17.34 -23.60
C PRO B 37 -18.23 16.24 -23.61
N ALA B 38 -18.80 15.94 -22.44
CA ALA B 38 -19.94 15.01 -22.29
C ALA B 38 -21.12 15.64 -23.02
N THR B 39 -21.95 14.80 -23.65
CA THR B 39 -23.13 15.24 -24.44
C THR B 39 -24.31 15.38 -23.47
N ILE B 40 -24.33 14.56 -22.42
CA ILE B 40 -25.37 14.58 -21.35
C ILE B 40 -24.68 14.96 -20.04
N LEU B 41 -25.24 15.95 -19.33
CA LEU B 41 -24.72 16.45 -18.03
C LEU B 41 -25.60 15.89 -16.89
N LYS B 42 -25.00 15.39 -15.82
CA LYS B 42 -25.73 14.80 -14.69
C LYS B 42 -26.34 15.92 -13.84
N GLU B 43 -27.44 15.62 -13.14
CA GLU B 43 -28.05 16.48 -12.09
C GLU B 43 -27.04 16.72 -10.97
N LYS B 44 -26.83 17.99 -10.58
CA LYS B 44 -25.91 18.38 -9.50
C LYS B 44 -26.48 17.89 -8.17
N PRO B 45 -25.64 17.53 -7.17
CA PRO B 45 -26.12 16.99 -5.91
C PRO B 45 -26.69 18.08 -4.99
N ASP B 46 -27.54 17.68 -4.05
CA ASP B 46 -28.02 18.55 -2.95
C ASP B 46 -26.82 18.99 -2.12
N PRO B 47 -26.48 20.29 -2.02
CA PRO B 47 -25.21 20.73 -1.43
C PRO B 47 -24.99 20.34 0.03
N ASN B 48 -26.08 20.01 0.75
CA ASN B 48 -26.05 19.48 2.14
C ASN B 48 -26.02 17.95 2.12
N ASN B 49 -26.99 17.30 1.45
CA ASN B 49 -27.19 15.82 1.47
C ASN B 49 -26.05 15.10 0.72
N LEU B 50 -24.81 15.28 1.21
CA LEU B 50 -23.58 14.76 0.55
C LEU B 50 -22.88 13.73 1.44
N VAL B 51 -22.79 12.50 0.94
CA VAL B 51 -21.82 11.44 1.37
C VAL B 51 -20.47 11.77 0.71
N PHE B 52 -19.37 11.78 1.48
CA PHE B 52 -18.05 12.22 0.99
C PHE B 52 -17.53 11.28 -0.10
N GLY B 53 -17.06 11.85 -1.22
CA GLY B 53 -16.38 11.14 -2.33
C GLY B 53 -17.25 10.06 -2.96
N THR B 54 -18.57 10.26 -2.99
CA THR B 54 -19.54 9.31 -3.60
C THR B 54 -20.11 9.89 -4.89
N VAL B 55 -20.17 11.22 -4.99
CA VAL B 55 -20.67 11.93 -6.20
C VAL B 55 -19.45 12.40 -7.00
N PHE B 56 -19.47 12.16 -8.31
CA PHE B 56 -18.43 12.61 -9.27
C PHE B 56 -19.05 13.54 -10.31
N THR B 57 -18.26 14.52 -10.78
CA THR B 57 -18.66 15.51 -11.80
C THR B 57 -18.71 14.82 -13.17
N ASP B 58 -18.87 15.61 -14.23
CA ASP B 58 -19.15 15.13 -15.62
C ASP B 58 -17.85 14.68 -16.32
N HIS B 59 -16.75 15.37 -16.01
CA HIS B 59 -15.45 15.21 -16.73
C HIS B 59 -14.35 14.77 -15.77
N MET B 60 -13.36 14.11 -16.36
CA MET B 60 -12.11 13.65 -15.71
C MET B 60 -10.97 14.08 -16.65
N LEU B 61 -9.76 14.22 -16.10
CA LEU B 61 -8.49 14.36 -16.86
C LEU B 61 -7.81 12.99 -16.89
N THR B 62 -7.23 12.61 -18.03
CA THR B 62 -6.40 11.40 -18.17
C THR B 62 -5.15 11.74 -18.98
N VAL B 63 -3.99 11.25 -18.56
CA VAL B 63 -2.73 11.33 -19.36
C VAL B 63 -2.01 9.99 -19.24
N GLU B 64 -1.79 9.36 -20.40
CA GLU B 64 -1.08 8.07 -20.57
C GLU B 64 0.44 8.32 -20.63
N TRP B 65 1.22 7.43 -20.03
CA TRP B 65 2.71 7.43 -20.13
C TRP B 65 3.20 6.03 -20.43
N SER B 66 4.17 5.93 -21.35
CA SER B 66 4.98 4.72 -21.60
C SER B 66 6.44 5.13 -21.59
N SER B 67 7.33 4.23 -21.14
CA SER B 67 8.81 4.35 -21.24
C SER B 67 9.24 4.54 -22.70
N GLU B 68 8.57 3.85 -23.63
CA GLU B 68 8.90 3.80 -25.08
C GLU B 68 8.64 5.16 -25.72
N PHE B 69 7.49 5.81 -25.47
CA PHE B 69 7.10 7.06 -26.15
C PHE B 69 6.97 8.24 -25.17
N GLY B 70 7.05 8.00 -23.87
CA GLY B 70 6.85 9.07 -22.85
C GLY B 70 5.37 9.46 -22.71
N TRP B 71 5.11 10.73 -22.41
CA TRP B 71 3.75 11.26 -22.13
C TRP B 71 2.97 11.45 -23.43
N GLU B 72 1.76 10.89 -23.50
CA GLU B 72 0.74 11.22 -24.52
C GLU B 72 0.15 12.60 -24.21
N LYS B 73 -0.65 13.14 -25.11
CA LYS B 73 -1.33 14.45 -24.88
C LYS B 73 -2.36 14.24 -23.78
N PRO B 74 -2.61 15.25 -22.92
CA PRO B 74 -3.61 15.14 -21.86
C PRO B 74 -5.02 15.27 -22.43
N HIS B 75 -5.98 14.57 -21.84
CA HIS B 75 -7.40 14.48 -22.28
C HIS B 75 -8.32 14.94 -21.14
N ILE B 76 -9.23 15.87 -21.42
CA ILE B 76 -10.43 16.11 -20.59
C ILE B 76 -11.62 15.47 -21.32
N LYS B 77 -12.26 14.48 -20.70
CA LYS B 77 -13.29 13.63 -21.32
C LYS B 77 -14.32 13.24 -20.27
N PRO B 78 -15.47 12.69 -20.70
CA PRO B 78 -16.50 12.26 -19.75
C PRO B 78 -15.92 11.28 -18.72
N LEU B 79 -16.31 11.41 -17.44
CA LEU B 79 -16.04 10.40 -16.40
C LEU B 79 -16.40 9.05 -17.02
N GLN B 80 -15.49 8.08 -16.95
CA GLN B 80 -15.74 6.72 -17.49
C GLN B 80 -14.86 5.75 -16.71
N ASN B 81 -15.15 4.46 -16.85
CA ASN B 81 -14.30 3.38 -16.29
C ASN B 81 -12.93 3.46 -16.96
N LEU B 82 -11.92 3.01 -16.24
CA LEU B 82 -10.58 2.73 -16.80
C LEU B 82 -10.59 1.28 -17.30
N SER B 83 -10.01 1.05 -18.47
CA SER B 83 -9.68 -0.30 -18.98
C SER B 83 -8.23 -0.59 -18.58
N LEU B 84 -8.02 -1.42 -17.57
CA LEU B 84 -6.68 -1.75 -17.01
C LEU B 84 -6.42 -3.23 -17.23
N HIS B 85 -5.22 -3.56 -17.70
CA HIS B 85 -4.69 -4.94 -17.70
C HIS B 85 -4.73 -5.42 -16.25
N PRO B 86 -5.25 -6.65 -15.98
CA PRO B 86 -5.41 -7.14 -14.62
C PRO B 86 -4.08 -7.34 -13.87
N GLY B 87 -2.96 -7.35 -14.62
CA GLY B 87 -1.59 -7.39 -14.11
C GLY B 87 -1.05 -6.01 -13.73
N SER B 88 -1.84 -4.94 -13.90
CA SER B 88 -1.40 -3.54 -13.65
C SER B 88 -0.83 -3.45 -12.24
N SER B 89 0.36 -2.88 -12.07
CA SER B 89 1.12 -2.93 -10.79
C SER B 89 0.34 -2.21 -9.69
N ALA B 90 -0.53 -1.27 -10.03
CA ALA B 90 -1.37 -0.55 -9.04
C ALA B 90 -2.20 -1.55 -8.22
N LEU B 91 -2.65 -2.66 -8.84
CA LEU B 91 -3.60 -3.61 -8.20
C LEU B 91 -2.84 -4.67 -7.39
N HIS B 92 -1.54 -4.86 -7.69
CA HIS B 92 -0.69 -5.94 -7.14
C HIS B 92 0.25 -5.41 -6.06
N TYR B 93 0.95 -4.29 -6.34
CA TYR B 93 2.07 -3.79 -5.51
C TYR B 93 1.82 -2.34 -5.10
N ALA B 94 0.57 -1.86 -5.17
CA ALA B 94 0.15 -0.54 -4.68
C ALA B 94 1.09 0.53 -5.26
N VAL B 95 1.46 0.38 -6.53
CA VAL B 95 2.26 1.39 -7.27
C VAL B 95 1.27 2.50 -7.65
N GLU B 96 1.02 3.39 -6.68
CA GLU B 96 -0.08 4.38 -6.73
C GLU B 96 0.13 5.45 -5.66
N LEU B 97 -0.28 6.67 -5.98
CA LEU B 97 -0.31 7.81 -5.03
C LEU B 97 -1.48 8.67 -5.42
N PHE B 98 -1.83 9.61 -4.54
CA PHE B 98 -2.94 10.56 -4.77
C PHE B 98 -2.62 11.87 -4.06
N GLU B 99 -3.42 12.87 -4.41
CA GLU B 99 -3.49 14.16 -3.69
C GLU B 99 -4.95 14.43 -3.40
N GLY B 100 -5.16 15.43 -2.54
CA GLY B 100 -6.46 16.05 -2.30
C GLY B 100 -6.26 17.54 -2.15
N LEU B 101 -6.86 18.34 -3.03
CA LEU B 101 -7.01 19.80 -2.82
C LEU B 101 -8.45 20.18 -3.15
N LYS B 102 -8.82 21.40 -2.76
CA LYS B 102 -10.21 21.91 -2.84
C LYS B 102 -10.25 23.18 -3.68
N ALA B 103 -11.36 23.35 -4.39
CA ALA B 103 -11.78 24.60 -5.04
C ALA B 103 -12.96 25.13 -4.23
N PHE B 104 -12.95 26.42 -3.93
CA PHE B 104 -13.96 27.11 -3.10
C PHE B 104 -14.59 28.23 -3.94
N ARG B 105 -15.92 28.24 -4.02
CA ARG B 105 -16.67 29.38 -4.60
C ARG B 105 -16.77 30.47 -3.53
N GLY B 106 -16.08 31.58 -3.72
CA GLY B 106 -16.04 32.69 -2.75
C GLY B 106 -17.34 33.45 -2.65
N VAL B 107 -17.44 34.29 -1.62
CA VAL B 107 -18.57 35.24 -1.39
C VAL B 107 -18.67 36.17 -2.61
N ASP B 108 -17.56 36.45 -3.30
CA ASP B 108 -17.54 37.28 -4.53
C ASP B 108 -17.84 36.41 -5.76
N ASN B 109 -18.01 35.09 -5.58
CA ASN B 109 -18.43 34.15 -6.65
C ASN B 109 -17.28 33.94 -7.67
N LYS B 110 -16.04 34.22 -7.22
CA LYS B 110 -14.78 33.74 -7.83
C LYS B 110 -14.40 32.40 -7.17
N ILE B 111 -14.14 31.39 -7.99
CA ILE B 111 -13.66 30.04 -7.56
C ILE B 111 -12.16 30.16 -7.29
N ARG B 112 -11.69 29.63 -6.16
CA ARG B 112 -10.28 29.73 -5.73
C ARG B 112 -9.73 28.35 -5.37
N LEU B 113 -8.48 28.10 -5.74
CA LEU B 113 -7.67 26.99 -5.21
C LEU B 113 -6.90 27.53 -4.00
N PHE B 114 -6.58 26.64 -3.07
CA PHE B 114 -5.92 26.93 -1.79
C PHE B 114 -4.57 26.22 -1.75
N GLN B 115 -3.46 26.96 -1.88
CA GLN B 115 -2.06 26.43 -1.83
C GLN B 115 -1.91 25.27 -2.81
N PRO B 116 -2.38 25.37 -4.06
CA PRO B 116 -2.39 24.20 -4.95
C PRO B 116 -0.96 23.81 -5.34
N ASN B 117 -0.03 24.78 -5.39
CA ASN B 117 1.39 24.52 -5.74
C ASN B 117 2.01 23.55 -4.71
N LEU B 118 1.61 23.62 -3.43
CA LEU B 118 2.10 22.71 -2.36
C LEU B 118 1.63 21.27 -2.66
N ASN B 119 0.40 21.12 -3.16
CA ASN B 119 -0.17 19.78 -3.48
C ASN B 119 0.61 19.21 -4.67
N MET B 120 0.91 20.05 -5.67
CA MET B 120 1.69 19.66 -6.87
C MET B 120 3.08 19.20 -6.43
N ASP B 121 3.75 20.02 -5.60
CA ASP B 121 5.10 19.74 -5.05
CA ASP B 121 5.11 19.70 -5.12
C ASP B 121 5.08 18.35 -4.38
N ARG B 122 4.13 18.16 -3.46
CA ARG B 122 4.01 16.95 -2.61
C ARG B 122 3.71 15.74 -3.50
N MET B 123 2.94 15.95 -4.59
CA MET B 123 2.56 14.87 -5.52
C MET B 123 3.78 14.47 -6.38
N TYR B 124 4.59 15.45 -6.81
CA TYR B 124 5.85 15.20 -7.56
C TYR B 124 6.81 14.39 -6.70
N ARG B 125 6.99 14.78 -5.43
CA ARG B 125 7.96 14.08 -4.53
CA ARG B 125 7.89 14.09 -4.45
C ARG B 125 7.48 12.62 -4.36
N SER B 126 6.19 12.39 -4.16
CA SER B 126 5.61 11.04 -3.98
C SER B 126 5.86 10.19 -5.24
N ALA B 127 5.67 10.76 -6.43
CA ALA B 127 5.93 10.11 -7.73
C ALA B 127 7.37 9.58 -7.78
N VAL B 128 8.35 10.45 -7.54
CA VAL B 128 9.80 10.09 -7.48
C VAL B 128 9.98 8.92 -6.51
N ARG B 129 9.43 9.00 -5.30
CA ARG B 129 9.57 7.99 -4.21
C ARG B 129 8.81 6.70 -4.57
N ALA B 130 7.85 6.76 -5.49
CA ALA B 130 7.08 5.59 -6.00
C ALA B 130 7.76 5.02 -7.25
N THR B 131 8.72 5.74 -7.84
CA THR B 131 9.38 5.46 -9.14
C THR B 131 8.37 5.57 -10.29
N LEU B 132 7.30 6.34 -10.13
CA LEU B 132 6.43 6.75 -11.27
C LEU B 132 7.13 7.89 -12.02
N PRO B 133 6.84 8.07 -13.33
CA PRO B 133 7.55 9.05 -14.14
C PRO B 133 7.24 10.48 -13.72
N VAL B 134 8.25 11.36 -13.75
CA VAL B 134 8.06 12.77 -13.34
C VAL B 134 7.29 13.49 -14.45
N PHE B 135 6.65 14.59 -14.07
CA PHE B 135 5.80 15.44 -14.93
C PHE B 135 6.06 16.90 -14.53
N ASP B 136 5.78 17.81 -15.45
CA ASP B 136 5.84 19.27 -15.24
C ASP B 136 4.70 19.70 -14.32
N LYS B 137 5.03 20.19 -13.11
CA LYS B 137 4.02 20.53 -12.07
C LYS B 137 3.13 21.67 -12.55
N GLU B 138 3.71 22.69 -13.19
CA GLU B 138 2.95 23.85 -13.74
C GLU B 138 1.88 23.34 -14.71
N GLU B 139 2.24 22.36 -15.55
CA GLU B 139 1.36 21.87 -16.64
C GLU B 139 0.19 21.06 -16.05
N LEU B 140 0.45 20.21 -15.07
CA LEU B 140 -0.62 19.43 -14.40
C LEU B 140 -1.59 20.42 -13.75
N LEU B 141 -1.04 21.42 -13.02
CA LEU B 141 -1.89 22.40 -12.31
C LEU B 141 -2.76 23.12 -13.35
N GLU B 142 -2.18 23.48 -14.49
CA GLU B 142 -2.94 24.16 -15.56
C GLU B 142 -4.05 23.23 -16.06
N CYS B 143 -3.74 21.96 -16.33
CA CYS B 143 -4.74 20.96 -16.80
C CYS B 143 -5.86 20.82 -15.75
N ILE B 144 -5.51 20.81 -14.47
CA ILE B 144 -6.50 20.70 -13.35
C ILE B 144 -7.44 21.90 -13.41
N GLN B 145 -6.91 23.10 -13.63
CA GLN B 145 -7.72 24.34 -13.70
C GLN B 145 -8.71 24.24 -14.88
N GLN B 146 -8.25 23.77 -16.04
CA GLN B 146 -9.11 23.64 -17.24
C GLN B 146 -10.24 22.65 -16.91
N LEU B 147 -9.94 21.59 -16.16
CA LEU B 147 -10.93 20.55 -15.78
C LEU B 147 -11.99 21.17 -14.84
N VAL B 148 -11.52 21.92 -13.84
CA VAL B 148 -12.40 22.59 -12.83
C VAL B 148 -13.25 23.62 -13.56
N LYS B 149 -12.64 24.38 -14.49
CA LYS B 149 -13.32 25.45 -15.26
C LYS B 149 -14.50 24.80 -16.01
N LEU B 150 -14.21 23.73 -16.79
CA LEU B 150 -15.26 23.02 -17.57
C LEU B 150 -16.38 22.61 -16.62
N ASP B 151 -16.04 22.08 -15.43
CA ASP B 151 -17.00 21.54 -14.44
C ASP B 151 -17.31 22.55 -13.32
N GLN B 152 -17.14 23.87 -13.54
CA GLN B 152 -17.13 24.89 -12.44
C GLN B 152 -18.47 24.94 -11.69
N GLU B 153 -19.57 24.56 -12.33
CA GLU B 153 -20.93 24.63 -11.73
C GLU B 153 -21.10 23.50 -10.71
N TRP B 154 -20.14 22.57 -10.64
CA TRP B 154 -20.05 21.53 -9.57
C TRP B 154 -19.41 22.14 -8.32
N VAL B 155 -18.71 23.26 -8.43
CA VAL B 155 -18.18 23.96 -7.22
C VAL B 155 -19.41 24.52 -6.50
N PRO B 156 -19.74 24.00 -5.30
CA PRO B 156 -21.06 24.24 -4.71
C PRO B 156 -21.32 25.71 -4.37
N TYR B 157 -22.59 26.09 -4.44
CA TYR B 157 -23.07 27.45 -4.06
C TYR B 157 -23.41 27.38 -2.57
N SER B 158 -22.36 27.34 -1.75
CA SER B 158 -22.42 27.06 -0.30
C SER B 158 -21.11 27.52 0.34
N THR B 159 -21.20 28.16 1.49
CA THR B 159 -20.04 28.76 2.21
C THR B 159 -19.38 27.68 3.08
N SER B 160 -19.93 26.46 3.12
CA SER B 160 -19.44 25.33 3.95
C SER B 160 -19.34 24.03 3.12
N ALA B 161 -19.40 24.14 1.80
CA ALA B 161 -19.13 23.03 0.85
C ALA B 161 -18.00 23.45 -0.08
N SER B 162 -17.48 22.53 -0.87
CA SER B 162 -16.33 22.74 -1.79
C SER B 162 -16.33 21.65 -2.86
N LEU B 163 -15.43 21.78 -3.84
CA LEU B 163 -15.13 20.72 -4.83
C LEU B 163 -13.81 20.07 -4.47
N TYR B 164 -13.85 18.76 -4.19
CA TYR B 164 -12.65 17.95 -3.92
C TYR B 164 -12.00 17.57 -5.25
N ILE B 165 -10.71 17.80 -5.38
CA ILE B 165 -9.90 17.48 -6.58
C ILE B 165 -9.00 16.31 -6.20
N ARG B 166 -9.13 15.19 -6.91
CA ARG B 166 -8.40 13.94 -6.62
C ARG B 166 -7.49 13.61 -7.80
N PRO B 167 -6.27 14.19 -7.83
CA PRO B 167 -5.22 13.72 -8.72
C PRO B 167 -4.78 12.33 -8.23
N THR B 168 -4.69 11.38 -9.14
CA THR B 168 -4.38 9.96 -8.87
C THR B 168 -3.34 9.56 -9.93
N PHE B 169 -2.40 8.70 -9.56
CA PHE B 169 -1.27 8.30 -10.43
C PHE B 169 -0.99 6.82 -10.18
N ILE B 170 -1.11 5.98 -11.21
CA ILE B 170 -1.09 4.50 -11.06
C ILE B 170 -0.12 3.90 -12.10
N GLY B 171 0.62 2.90 -11.65
CA GLY B 171 1.35 1.97 -12.54
C GLY B 171 0.35 1.04 -13.22
N THR B 172 0.44 0.95 -14.55
CA THR B 172 -0.43 0.14 -15.43
C THR B 172 0.42 -0.84 -16.24
N GLU B 173 1.70 -0.95 -15.85
CA GLU B 173 2.67 -1.98 -16.25
C GLU B 173 1.97 -3.34 -16.22
N PRO B 174 1.68 -3.98 -17.37
CA PRO B 174 0.98 -5.26 -17.37
C PRO B 174 1.89 -6.43 -16.94
N SER B 175 2.56 -6.32 -15.79
CA SER B 175 3.65 -7.25 -15.42
C SER B 175 3.68 -7.44 -13.91
N LEU B 176 3.85 -8.70 -13.49
CA LEU B 176 3.83 -9.14 -12.07
C LEU B 176 5.23 -8.98 -11.50
N GLY B 177 6.24 -8.74 -12.34
CA GLY B 177 7.59 -8.39 -11.88
C GLY B 177 7.49 -7.20 -10.94
N VAL B 178 8.09 -7.27 -9.76
CA VAL B 178 8.23 -6.10 -8.85
C VAL B 178 9.32 -5.21 -9.47
N LYS B 179 8.91 -4.15 -10.16
CA LYS B 179 9.83 -3.30 -10.97
C LYS B 179 9.28 -1.89 -11.10
N LYS B 180 10.14 -0.95 -11.47
CA LYS B 180 9.77 0.41 -11.92
C LYS B 180 8.83 0.23 -13.11
N PRO B 181 7.62 0.83 -13.11
CA PRO B 181 6.67 0.63 -14.19
C PRO B 181 7.14 1.33 -15.47
N THR B 182 6.84 0.74 -16.63
CA THR B 182 7.13 1.23 -18.01
C THR B 182 5.84 1.73 -18.65
N LYS B 183 4.72 1.66 -17.93
CA LYS B 183 3.39 2.20 -18.33
C LYS B 183 2.74 2.82 -17.09
N ALA B 184 2.10 3.98 -17.23
CA ALA B 184 1.38 4.63 -16.12
C ALA B 184 0.25 5.47 -16.67
N LEU B 185 -0.68 5.81 -15.78
CA LEU B 185 -1.83 6.70 -16.03
C LEU B 185 -1.87 7.72 -14.90
N LEU B 186 -1.95 8.99 -15.25
CA LEU B 186 -2.23 10.11 -14.32
C LEU B 186 -3.63 10.62 -14.67
N PHE B 187 -4.53 10.68 -13.69
CA PHE B 187 -5.93 11.09 -13.93
C PHE B 187 -6.38 11.96 -12.76
N VAL B 188 -7.40 12.80 -12.99
CA VAL B 188 -7.94 13.68 -11.94
C VAL B 188 -9.46 13.55 -11.91
N LEU B 189 -10.02 13.23 -10.74
CA LEU B 189 -11.46 13.22 -10.47
C LEU B 189 -11.84 14.46 -9.70
N LEU B 190 -13.08 14.93 -9.89
CA LEU B 190 -13.69 16.01 -9.08
C LEU B 190 -14.89 15.42 -8.36
N SER B 191 -15.07 15.79 -7.10
CA SER B 191 -16.19 15.30 -6.26
C SER B 191 -16.65 16.43 -5.36
N PRO B 192 -17.90 16.92 -5.51
CA PRO B 192 -18.41 17.96 -4.62
C PRO B 192 -18.63 17.38 -3.22
N VAL B 193 -18.01 17.99 -2.21
CA VAL B 193 -18.13 17.54 -0.79
C VAL B 193 -18.78 18.66 0.02
N GLY B 194 -19.86 18.31 0.73
CA GLY B 194 -20.62 19.21 1.61
C GLY B 194 -19.87 19.41 2.93
N PRO B 195 -20.46 20.15 3.89
CA PRO B 195 -19.84 20.33 5.20
C PRO B 195 -19.52 18.97 5.84
N TYR B 196 -18.37 18.84 6.51
CA TYR B 196 -17.93 17.55 7.11
C TYR B 196 -19.09 16.99 7.94
N PHE B 197 -19.73 17.82 8.78
CA PHE B 197 -20.93 17.48 9.58
C PHE B 197 -22.11 18.37 9.17
N SER B 198 -23.30 17.75 9.07
CA SER B 198 -24.52 18.23 8.36
C SER B 198 -25.24 19.34 9.14
N SER B 199 -24.71 19.74 10.30
CA SER B 199 -25.11 20.98 11.03
C SER B 199 -24.24 22.16 10.53
N GLY B 200 -23.00 21.87 10.09
CA GLY B 200 -22.02 22.82 9.50
C GLY B 200 -21.36 23.67 10.60
N THR B 201 -21.61 23.36 11.87
CA THR B 201 -21.10 24.11 13.05
C THR B 201 -19.85 23.40 13.58
N PHE B 202 -20.01 22.43 14.50
CA PHE B 202 -18.98 21.45 14.95
C PHE B 202 -19.69 20.22 15.53
N ASN B 203 -19.40 19.02 14.98
CA ASN B 203 -19.87 17.73 15.54
C ASN B 203 -18.64 16.94 16.01
N PRO B 204 -18.27 17.03 17.30
CA PRO B 204 -16.99 16.49 17.76
C PRO B 204 -16.83 14.99 17.53
N VAL B 205 -15.63 14.57 17.11
CA VAL B 205 -15.28 13.15 16.80
C VAL B 205 -14.84 12.43 18.07
N SER B 206 -15.20 11.15 18.18
CA SER B 206 -14.61 10.17 19.14
C SER B 206 -13.47 9.43 18.43
N LEU B 207 -12.37 9.18 19.14
CA LEU B 207 -11.13 8.56 18.60
C LEU B 207 -10.91 7.20 19.27
N TRP B 208 -10.54 6.21 18.46
CA TRP B 208 -10.09 4.86 18.88
C TRP B 208 -8.55 4.85 18.91
N ALA B 209 -7.97 4.61 20.08
CA ALA B 209 -6.51 4.62 20.34
C ALA B 209 -6.03 3.23 20.76
N ASN B 210 -5.58 2.43 19.79
CA ASN B 210 -5.00 1.09 20.02
C ASN B 210 -3.55 1.08 19.53
N PRO B 211 -2.56 0.92 20.44
CA PRO B 211 -1.14 0.90 20.04
C PRO B 211 -0.76 -0.33 19.21
N LYS B 212 -1.65 -1.33 19.15
CA LYS B 212 -1.50 -2.58 18.39
C LYS B 212 -1.28 -2.29 16.89
N TYR B 213 -1.85 -1.20 16.37
CA TYR B 213 -1.74 -0.77 14.95
C TYR B 213 -0.87 0.48 14.84
N VAL B 214 -0.10 0.56 13.75
CA VAL B 214 0.80 1.70 13.41
C VAL B 214 0.60 2.07 11.94
N ARG B 215 0.23 3.32 11.67
CA ARG B 215 -0.02 3.83 10.30
C ARG B 215 1.30 3.86 9.52
N ALA B 216 2.37 4.35 10.15
CA ALA B 216 3.64 4.73 9.51
C ALA B 216 4.79 4.61 10.54
N TRP B 217 6.02 4.49 10.04
CA TRP B 217 7.25 4.22 10.84
C TRP B 217 8.42 5.01 10.24
N LYS B 218 9.41 5.33 11.08
CA LYS B 218 10.74 5.83 10.66
C LYS B 218 11.28 4.95 9.53
N GLY B 219 11.65 5.57 8.41
CA GLY B 219 12.14 4.89 7.19
C GLY B 219 11.00 4.42 6.30
N GLY B 220 9.76 4.81 6.62
CA GLY B 220 8.56 4.48 5.81
C GLY B 220 8.19 5.62 4.87
N THR B 221 6.95 5.61 4.37
CA THR B 221 6.37 6.52 3.35
C THR B 221 5.20 7.31 3.95
N GLY B 222 5.13 7.38 5.28
CA GLY B 222 4.07 8.07 6.05
C GLY B 222 4.01 9.58 5.79
N ASP B 223 5.06 10.17 5.19
CA ASP B 223 5.08 11.63 4.84
C ASP B 223 4.71 11.87 3.36
N CYS B 224 4.16 10.84 2.69
CA CYS B 224 3.67 10.83 1.28
C CYS B 224 2.22 10.32 1.26
N LYS B 225 1.41 10.76 0.28
CA LYS B 225 0.02 10.29 0.08
C LYS B 225 0.06 9.10 -0.91
N MET B 226 0.83 8.05 -0.56
CA MET B 226 0.94 6.81 -1.37
C MET B 226 -0.13 5.83 -0.87
N GLY B 227 -0.83 5.17 -1.79
CA GLY B 227 -2.00 4.31 -1.51
C GLY B 227 -1.74 3.28 -0.42
N GLY B 228 -0.52 2.72 -0.33
CA GLY B 228 -0.15 1.68 0.65
C GLY B 228 -0.30 2.10 2.09
N ASN B 229 -0.20 3.42 2.39
CA ASN B 229 -0.28 3.96 3.78
C ASN B 229 -1.71 3.77 4.33
N TYR B 230 -2.72 3.71 3.45
CA TYR B 230 -4.17 3.76 3.79
C TYR B 230 -4.80 2.36 3.81
N GLY B 231 -4.32 1.41 3.02
CA GLY B 231 -4.87 0.03 2.92
C GLY B 231 -4.76 -0.73 4.24
N SER B 232 -3.67 -0.52 4.98
CA SER B 232 -3.36 -1.16 6.28
C SER B 232 -4.11 -0.49 7.43
N SER B 233 -4.74 0.66 7.18
CA SER B 233 -5.46 1.48 8.19
C SER B 233 -6.92 1.02 8.32
N LEU B 234 -7.50 0.43 7.27
CA LEU B 234 -8.96 0.12 7.19
C LEU B 234 -9.38 -0.79 8.36
N PHE B 235 -8.58 -1.81 8.69
CA PHE B 235 -8.93 -2.76 9.79
C PHE B 235 -9.05 -1.99 11.11
N ALA B 236 -8.15 -1.04 11.37
CA ALA B 236 -8.16 -0.17 12.56
C ALA B 236 -9.44 0.68 12.56
N GLN B 237 -9.77 1.32 11.44
CA GLN B 237 -10.96 2.21 11.30
C GLN B 237 -12.24 1.40 11.56
N CYS B 238 -12.38 0.21 10.96
CA CYS B 238 -13.48 -0.74 11.25
C CYS B 238 -13.56 -1.00 12.76
N GLU B 239 -12.42 -1.26 13.41
CA GLU B 239 -12.35 -1.51 14.86
C GLU B 239 -12.79 -0.25 15.63
N ALA B 240 -12.42 0.94 15.14
CA ALA B 240 -12.85 2.24 15.70
C ALA B 240 -14.37 2.28 15.72
N VAL B 241 -14.99 2.07 14.56
CA VAL B 241 -16.47 2.16 14.35
C VAL B 241 -17.17 1.11 15.25
N ASP B 242 -16.55 -0.05 15.47
CA ASP B 242 -17.14 -1.15 16.26
C ASP B 242 -17.14 -0.82 17.76
N ASN B 243 -16.33 0.16 18.20
CA ASN B 243 -16.29 0.65 19.60
C ASN B 243 -16.85 2.08 19.66
N GLY B 244 -17.62 2.49 18.64
CA GLY B 244 -18.45 3.72 18.65
C GLY B 244 -17.77 4.91 18.01
N CYS B 245 -16.44 4.85 17.82
CA CYS B 245 -15.58 6.01 17.42
C CYS B 245 -15.66 6.25 15.91
N GLN B 246 -15.35 7.47 15.46
CA GLN B 246 -15.48 7.93 14.05
C GLN B 246 -14.13 7.87 13.33
N GLN B 247 -13.03 7.90 14.09
CA GLN B 247 -11.63 7.96 13.56
C GLN B 247 -10.66 7.21 14.49
N VAL B 248 -9.49 6.87 13.95
CA VAL B 248 -8.36 6.25 14.71
C VAL B 248 -7.41 7.37 15.20
N LEU B 249 -7.07 7.36 16.49
CA LEU B 249 -5.84 8.04 17.00
C LEU B 249 -4.63 7.10 16.84
N TRP B 250 -3.80 7.36 15.83
CA TRP B 250 -2.58 6.57 15.51
C TRP B 250 -1.48 6.82 16.57
N LEU B 251 -1.13 5.77 17.30
CA LEU B 251 -0.07 5.79 18.34
C LEU B 251 1.21 5.16 17.77
N TYR B 252 2.37 5.65 18.20
CA TYR B 252 3.71 5.24 17.71
C TYR B 252 4.68 5.14 18.87
N GLY B 253 5.51 4.08 18.89
CA GLY B 253 6.62 3.94 19.84
C GLY B 253 6.17 3.45 21.20
N GLU B 254 7.14 3.25 22.09
CA GLU B 254 7.02 2.59 23.42
C GLU B 254 6.18 3.45 24.38
N ASP B 255 6.30 4.78 24.25
CA ASP B 255 5.64 5.79 25.12
C ASP B 255 4.29 6.20 24.51
N HIS B 256 3.84 5.54 23.44
CA HIS B 256 2.52 5.78 22.80
C HIS B 256 2.38 7.26 22.46
N GLN B 257 3.24 7.75 21.56
CA GLN B 257 3.09 9.10 20.98
C GLN B 257 1.80 9.17 20.17
N ILE B 258 1.04 10.24 20.36
CA ILE B 258 -0.15 10.55 19.51
C ILE B 258 0.34 11.32 18.28
N THR B 259 0.12 10.77 17.09
CA THR B 259 0.70 11.25 15.81
C THR B 259 -0.35 12.00 14.99
N GLU B 260 -1.45 11.32 14.66
CA GLU B 260 -2.45 11.75 13.66
C GLU B 260 -3.84 11.27 14.07
N VAL B 261 -4.83 12.13 13.88
CA VAL B 261 -6.29 11.89 14.09
C VAL B 261 -6.84 11.38 12.76
N GLY B 262 -6.83 10.06 12.57
CA GLY B 262 -7.17 9.41 11.30
C GLY B 262 -6.30 9.90 10.16
N THR B 263 -6.93 10.57 9.18
CA THR B 263 -6.34 11.10 7.94
C THR B 263 -6.00 12.59 8.13
N MET B 264 -5.92 13.07 9.37
CA MET B 264 -5.77 14.52 9.70
C MET B 264 -4.59 14.69 10.64
N ASN B 265 -3.99 15.88 10.63
CA ASN B 265 -2.92 16.21 11.61
C ASN B 265 -3.61 16.49 12.96
N LEU B 266 -2.89 16.27 14.06
CA LEU B 266 -3.41 16.41 15.44
C LEU B 266 -2.84 17.68 16.10
N PHE B 267 -3.71 18.53 16.63
CA PHE B 267 -3.35 19.71 17.44
C PHE B 267 -3.91 19.55 18.85
N LEU B 268 -3.09 19.94 19.83
CA LEU B 268 -3.44 20.00 21.26
C LEU B 268 -3.20 21.43 21.78
N TYR B 269 -4.26 22.07 22.27
CA TYR B 269 -4.25 23.41 22.88
C TYR B 269 -4.40 23.24 24.38
N TRP B 270 -3.37 23.61 25.15
CA TRP B 270 -3.27 23.23 26.58
C TRP B 270 -2.30 24.13 27.35
N ILE B 271 -2.32 23.99 28.67
CA ILE B 271 -1.25 24.46 29.58
C ILE B 271 -0.19 23.36 29.63
N ASN B 272 1.02 23.66 29.16
CA ASN B 272 2.09 22.64 29.02
C ASN B 272 2.73 22.39 30.39
N GLU B 273 3.78 21.57 30.43
CA GLU B 273 4.43 21.07 31.66
C GLU B 273 5.08 22.23 32.43
N ASP B 274 5.47 23.30 31.72
CA ASP B 274 6.09 24.53 32.30
C ASP B 274 4.98 25.53 32.67
N GLY B 275 3.72 25.11 32.65
CA GLY B 275 2.55 25.96 32.97
C GLY B 275 2.30 27.05 31.94
N GLU B 276 2.67 26.84 30.67
CA GLU B 276 2.51 27.84 29.57
C GLU B 276 1.35 27.43 28.65
N GLU B 277 0.57 28.42 28.21
CA GLU B 277 -0.46 28.29 27.15
C GLU B 277 0.27 27.93 25.86
N GLU B 278 -0.09 26.83 25.22
CA GLU B 278 0.68 26.27 24.08
C GLU B 278 -0.26 25.61 23.09
N LEU B 279 -0.05 25.86 21.80
CA LEU B 279 -0.57 25.02 20.69
C LEU B 279 0.54 24.06 20.29
N ALA B 280 0.29 22.75 20.39
CA ALA B 280 1.30 21.71 20.21
C ALA B 280 0.82 20.77 19.09
N THR B 281 1.73 20.33 18.23
CA THR B 281 1.44 19.34 17.14
C THR B 281 2.72 18.52 16.96
N PRO B 282 2.61 17.21 16.64
CA PRO B 282 3.80 16.38 16.41
C PRO B 282 4.69 16.89 15.30
N PRO B 283 6.02 16.70 15.41
CA PRO B 283 6.97 17.18 14.39
C PRO B 283 6.94 16.36 13.09
N LEU B 284 7.39 16.99 12.00
CA LEU B 284 7.55 16.36 10.67
C LEU B 284 8.80 15.48 10.67
N ASP B 285 8.76 14.35 11.34
CA ASP B 285 9.92 13.46 11.56
C ASP B 285 9.90 12.28 10.59
N GLY B 286 9.01 12.29 9.57
CA GLY B 286 8.92 11.23 8.55
C GLY B 286 7.72 10.28 8.69
N ILE B 287 7.07 10.21 9.86
CA ILE B 287 5.87 9.36 10.13
C ILE B 287 4.59 10.20 9.99
N ILE B 288 4.73 11.53 9.88
CA ILE B 288 3.62 12.52 9.83
C ILE B 288 3.46 12.99 8.39
N LEU B 289 2.21 13.04 7.91
CA LEU B 289 1.86 13.69 6.64
C LEU B 289 1.94 15.20 6.83
N PRO B 290 2.86 15.92 6.14
CA PRO B 290 2.92 17.37 6.26
C PRO B 290 1.74 18.02 5.54
N GLY B 291 0.58 18.05 6.20
CA GLY B 291 -0.67 18.63 5.69
C GLY B 291 -0.51 20.12 5.39
N VAL B 292 -1.18 20.59 4.34
CA VAL B 292 -1.27 22.01 3.96
C VAL B 292 -1.93 22.79 5.12
N THR B 293 -3.04 22.25 5.64
CA THR B 293 -3.81 22.83 6.77
C THR B 293 -2.84 22.99 7.95
N ARG B 294 -2.11 21.92 8.26
CA ARG B 294 -1.15 21.88 9.39
C ARG B 294 -0.23 23.10 9.32
N ARG B 295 0.48 23.29 8.20
CA ARG B 295 1.48 24.39 8.04
C ARG B 295 0.77 25.74 8.17
N CYS B 296 -0.44 25.86 7.58
CA CYS B 296 -1.23 27.13 7.60
C CYS B 296 -1.56 27.51 9.06
N ILE B 297 -1.97 26.54 9.87
CA ILE B 297 -2.40 26.75 11.28
C ILE B 297 -1.19 27.16 12.12
N LEU B 298 -0.02 26.59 11.87
CA LEU B 298 1.22 26.95 12.58
C LEU B 298 1.62 28.39 12.21
N ASP B 299 1.52 28.76 10.94
CA ASP B 299 1.79 30.12 10.44
C ASP B 299 0.86 31.10 11.17
N LEU B 300 -0.44 30.84 11.14
CA LEU B 300 -1.46 31.68 11.83
C LEU B 300 -1.10 31.80 13.31
N ALA B 301 -0.87 30.66 13.97
CA ALA B 301 -0.55 30.58 15.42
C ALA B 301 0.67 31.46 15.73
N HIS B 302 1.75 31.35 14.93
CA HIS B 302 3.02 32.12 15.07
C HIS B 302 2.74 33.61 14.86
N GLN B 303 1.96 33.95 13.84
CA GLN B 303 1.60 35.35 13.48
C GLN B 303 0.85 36.00 14.65
N TRP B 304 -0.12 35.32 15.24
CA TRP B 304 -0.94 35.89 16.34
C TRP B 304 -0.10 36.13 17.61
N GLY B 305 0.86 35.24 17.89
CA GLY B 305 1.82 35.34 18.99
C GLY B 305 1.17 35.58 20.34
N GLU B 306 0.01 34.95 20.58
CA GLU B 306 -0.77 35.07 21.84
C GLU B 306 -0.48 33.88 22.77
N PHE B 307 0.23 32.88 22.27
CA PHE B 307 0.62 31.68 23.05
C PHE B 307 1.77 30.93 22.33
N LYS B 308 2.42 30.06 23.09
CA LYS B 308 3.58 29.26 22.61
C LYS B 308 3.07 28.30 21.53
N VAL B 309 3.88 28.11 20.49
CA VAL B 309 3.59 27.20 19.34
C VAL B 309 4.75 26.22 19.24
N SER B 310 4.51 24.93 19.46
CA SER B 310 5.56 23.89 19.59
C SER B 310 5.26 22.69 18.70
N GLU B 311 6.14 22.43 17.73
CA GLU B 311 6.25 21.13 17.03
C GLU B 311 6.98 20.19 17.98
N ARG B 312 6.27 19.37 18.75
CA ARG B 312 6.86 18.51 19.81
C ARG B 312 6.12 17.17 19.90
N TYR B 313 6.79 16.19 20.47
CA TYR B 313 6.23 14.85 20.80
C TYR B 313 5.20 15.02 21.92
N LEU B 314 4.10 14.30 21.77
CA LEU B 314 2.97 14.28 22.73
C LEU B 314 2.61 12.81 22.95
N THR B 315 2.63 12.35 24.20
CA THR B 315 2.27 10.96 24.59
C THR B 315 0.86 10.94 25.20
N MET B 316 0.22 9.77 25.25
CA MET B 316 -1.06 9.55 25.97
C MET B 316 -0.88 9.94 27.44
N ASP B 317 0.31 9.69 28.02
CA ASP B 317 0.62 10.02 29.43
C ASP B 317 0.70 11.54 29.60
N ASP B 318 1.35 12.24 28.67
CA ASP B 318 1.33 13.73 28.63
C ASP B 318 -0.12 14.22 28.70
N LEU B 319 -1.02 13.57 27.94
CA LEU B 319 -2.43 13.99 27.77
C LEU B 319 -3.24 13.70 29.05
N THR B 320 -3.17 12.48 29.56
CA THR B 320 -3.96 12.06 30.76
C THR B 320 -3.43 12.79 31.99
N THR B 321 -2.12 13.01 32.08
CA THR B 321 -1.48 13.82 33.15
C THR B 321 -2.06 15.24 33.07
N ALA B 322 -2.11 15.83 31.87
CA ALA B 322 -2.67 17.18 31.62
C ALA B 322 -4.17 17.21 31.93
N LEU B 323 -4.91 16.17 31.55
CA LEU B 323 -6.36 16.09 31.86
C LEU B 323 -6.58 16.11 33.37
N GLU B 324 -5.80 15.34 34.15
CA GLU B 324 -5.99 15.27 35.62
C GLU B 324 -5.67 16.63 36.26
N GLY B 325 -4.90 17.48 35.58
CA GLY B 325 -4.58 18.86 36.04
C GLY B 325 -5.48 19.93 35.42
N ASN B 326 -6.54 19.53 34.70
CA ASN B 326 -7.46 20.45 33.99
C ASN B 326 -6.63 21.42 33.14
N ARG B 327 -5.58 20.92 32.49
CA ARG B 327 -4.59 21.72 31.71
C ARG B 327 -4.94 21.67 30.21
N VAL B 328 -5.80 20.74 29.79
CA VAL B 328 -6.24 20.58 28.37
C VAL B 328 -7.42 21.54 28.11
N ARG B 329 -7.35 22.30 27.02
CA ARG B 329 -8.46 23.19 26.60
CA ARG B 329 -8.45 23.21 26.59
C ARG B 329 -9.15 22.60 25.37
N GLU B 330 -8.40 22.37 24.29
CA GLU B 330 -8.99 21.88 23.01
C GLU B 330 -8.05 20.88 22.35
N MET B 331 -8.61 19.87 21.68
CA MET B 331 -7.90 18.98 20.75
C MET B 331 -8.71 18.97 19.44
N PHE B 332 -8.07 19.05 18.28
CA PHE B 332 -8.76 19.04 16.98
C PHE B 332 -7.84 18.46 15.89
N GLY B 333 -8.45 17.83 14.89
CA GLY B 333 -7.77 17.42 13.66
C GLY B 333 -7.82 18.54 12.64
N SER B 334 -6.95 18.48 11.65
CA SER B 334 -6.94 19.41 10.50
C SER B 334 -6.41 18.68 9.28
N GLY B 335 -7.13 18.80 8.17
CA GLY B 335 -6.78 18.20 6.87
C GLY B 335 -7.68 18.81 5.82
N THR B 336 -7.52 18.43 4.55
CA THR B 336 -8.39 18.92 3.46
C THR B 336 -9.82 18.48 3.74
N ALA B 337 -9.98 17.23 4.22
CA ALA B 337 -11.27 16.61 4.63
C ALA B 337 -12.06 17.55 5.52
N CYS B 338 -11.47 17.91 6.66
CA CYS B 338 -12.09 18.69 7.75
C CYS B 338 -11.08 19.77 8.19
N VAL B 339 -11.29 20.99 7.76
CA VAL B 339 -10.33 22.11 7.98
C VAL B 339 -10.00 22.14 9.48
N VAL B 340 -11.03 22.16 10.33
CA VAL B 340 -10.94 21.98 11.81
C VAL B 340 -11.98 20.96 12.28
N CYS B 341 -11.54 19.89 12.92
CA CYS B 341 -12.40 18.81 13.47
C CYS B 341 -12.12 18.60 14.96
N PRO B 342 -12.89 19.26 15.83
CA PRO B 342 -12.80 19.05 17.28
C PRO B 342 -12.88 17.59 17.71
N VAL B 343 -12.08 17.22 18.71
CA VAL B 343 -12.09 15.89 19.37
C VAL B 343 -12.71 16.05 20.77
N SER B 344 -13.70 15.21 21.08
CA SER B 344 -14.43 15.20 22.38
C SER B 344 -13.95 14.05 23.25
N ASP B 345 -13.51 12.92 22.66
CA ASP B 345 -13.27 11.66 23.43
C ASP B 345 -12.21 10.80 22.74
N ILE B 346 -11.44 10.07 23.57
CA ILE B 346 -10.44 9.06 23.12
C ILE B 346 -10.70 7.76 23.92
N LEU B 347 -10.99 6.65 23.24
CA LEU B 347 -11.09 5.29 23.85
C LEU B 347 -9.70 4.65 23.88
N TYR B 348 -9.23 4.28 25.07
CA TYR B 348 -7.82 3.90 25.33
C TYR B 348 -7.78 2.94 26.51
N LYS B 349 -7.26 1.72 26.30
CA LYS B 349 -7.17 0.66 27.32
C LYS B 349 -8.55 0.48 27.97
N GLY B 350 -9.59 0.33 27.14
CA GLY B 350 -10.96 0.01 27.60
C GLY B 350 -11.74 1.26 27.97
N GLU B 351 -11.16 2.15 28.78
CA GLU B 351 -11.88 3.35 29.31
C GLU B 351 -12.05 4.40 28.20
N THR B 352 -13.06 5.26 28.36
CA THR B 352 -13.35 6.43 27.50
C THR B 352 -12.80 7.68 28.20
N ILE B 353 -11.86 8.38 27.56
CA ILE B 353 -11.21 9.59 28.13
C ILE B 353 -11.86 10.82 27.50
N HIS B 354 -12.46 11.70 28.30
CA HIS B 354 -13.18 12.91 27.82
C HIS B 354 -12.18 14.04 27.60
N ILE B 355 -12.29 14.69 26.44
CA ILE B 355 -11.50 15.89 26.07
C ILE B 355 -12.47 17.07 26.08
N PRO B 356 -12.21 18.10 26.93
CA PRO B 356 -13.17 19.18 27.17
C PRO B 356 -13.16 20.25 26.06
N THR B 357 -12.83 19.88 24.82
CA THR B 357 -12.75 20.79 23.65
C THR B 357 -14.01 21.66 23.56
N MET B 358 -15.18 21.03 23.51
CA MET B 358 -16.48 21.70 23.24
C MET B 358 -16.92 22.52 24.48
N GLU B 359 -16.36 22.24 25.66
CA GLU B 359 -16.63 22.98 26.91
C GLU B 359 -15.79 24.25 26.97
N ASN B 360 -14.83 24.43 26.07
CA ASN B 360 -13.90 25.58 26.08
C ASN B 360 -14.11 26.41 24.81
N GLY B 361 -15.32 26.37 24.24
CA GLY B 361 -15.74 27.20 23.10
C GLY B 361 -16.30 26.35 21.96
N PRO B 362 -15.46 25.66 21.15
CA PRO B 362 -14.00 25.73 21.27
C PRO B 362 -13.43 27.01 20.62
N LYS B 363 -12.80 27.85 21.44
CA LYS B 363 -12.44 29.26 21.12
C LYS B 363 -11.35 29.27 20.02
N LEU B 364 -10.29 28.48 20.16
CA LEU B 364 -9.15 28.47 19.20
C LEU B 364 -9.59 27.77 17.91
N ALA B 365 -10.18 26.57 18.03
CA ALA B 365 -10.71 25.80 16.88
C ALA B 365 -11.59 26.71 16.04
N SER B 366 -12.51 27.46 16.66
CA SER B 366 -13.47 28.36 15.97
C SER B 366 -12.71 29.52 15.30
N ARG B 367 -11.74 30.13 16.00
CA ARG B 367 -10.93 31.25 15.46
C ARG B 367 -10.18 30.78 14.22
N ILE B 368 -9.58 29.59 14.29
CA ILE B 368 -8.86 28.97 13.13
C ILE B 368 -9.84 28.73 11.99
N LEU B 369 -10.98 28.04 12.22
CA LEU B 369 -11.99 27.72 11.15
C LEU B 369 -12.44 29.02 10.47
N SER B 370 -12.74 30.06 11.27
CA SER B 370 -13.13 31.41 10.78
C SER B 370 -12.07 31.95 9.82
N LYS B 371 -10.79 31.92 10.22
CA LYS B 371 -9.68 32.55 9.44
C LYS B 371 -9.44 31.77 8.14
N LEU B 372 -9.27 30.45 8.22
CA LEU B 372 -9.08 29.59 7.01
C LEU B 372 -10.28 29.75 6.07
N THR B 373 -11.52 29.75 6.59
CA THR B 373 -12.76 29.83 5.78
C THR B 373 -12.84 31.21 5.12
N ASP B 374 -12.55 32.29 5.85
CA ASP B 374 -12.51 33.67 5.33
C ASP B 374 -11.55 33.68 4.13
N ILE B 375 -10.40 33.02 4.25
CA ILE B 375 -9.36 32.96 3.18
C ILE B 375 -9.87 32.10 2.01
N GLN B 376 -10.29 30.87 2.29
CA GLN B 376 -10.77 29.89 1.27
C GLN B 376 -11.91 30.49 0.45
N TYR B 377 -12.81 31.25 1.08
CA TYR B 377 -14.05 31.76 0.45
C TYR B 377 -13.86 33.23 0.07
N GLY B 378 -12.62 33.73 0.10
CA GLY B 378 -12.24 35.05 -0.43
C GLY B 378 -12.84 36.23 0.33
N ARG B 379 -13.24 36.06 1.60
CA ARG B 379 -13.75 37.16 2.46
C ARG B 379 -12.59 38.09 2.83
N GLU B 380 -11.35 37.61 2.69
CA GLU B 380 -10.11 38.44 2.72
C GLU B 380 -9.14 37.89 1.67
N GLU B 381 -8.19 38.70 1.23
CA GLU B 381 -7.14 38.33 0.25
C GLU B 381 -6.05 37.52 0.97
N ARG B 382 -5.26 36.75 0.24
CA ARG B 382 -4.15 35.97 0.83
C ARG B 382 -3.23 35.49 -0.31
N ASP B 383 -1.96 35.26 0.04
CA ASP B 383 -0.96 34.56 -0.81
C ASP B 383 -1.37 33.10 -1.02
N TRP B 384 -2.24 32.56 -0.18
CA TRP B 384 -2.58 31.11 -0.09
C TRP B 384 -3.60 30.72 -1.17
N THR B 385 -4.27 31.68 -1.79
CA THR B 385 -5.36 31.40 -2.75
C THR B 385 -4.96 31.88 -4.14
N ILE B 386 -5.44 31.17 -5.15
CA ILE B 386 -5.33 31.54 -6.59
C ILE B 386 -6.74 31.50 -7.17
N VAL B 387 -7.13 32.56 -7.88
CA VAL B 387 -8.43 32.64 -8.63
C VAL B 387 -8.28 31.79 -9.89
N LEU B 388 -9.30 30.98 -10.20
CA LEU B 388 -9.29 29.96 -11.29
C LEU B 388 -9.08 30.65 -12.64
N SER B 389 -8.16 30.12 -13.45
CA SER B 389 -7.76 30.59 -14.80
C SER B 389 -9.00 30.99 -15.60
#